data_6MJ6
#
_entry.id   6MJ6
#
_cell.length_a   79.357
_cell.length_b   191.020
_cell.length_c   151.348
_cell.angle_alpha   90.000
_cell.angle_beta   90.000
_cell.angle_gamma   90.000
#
_symmetry.space_group_name_H-M   'C 2 2 21'
#
loop_
_entity.id
_entity.type
_entity.pdbx_description
1 polymer 'T cell receptor alpha variable 11,T cell receptor alpha variable 11,T cell receptor alpha joining 18,Human nkt tcr alpha chain, CHIMERIC PROTEIN,Human nkt tcr alpha chain'
2 polymer 'Beta-chain,T cell receptor chain,T cell receptor beta constant 2, CHIMERIC PROTEIN'
3 polymer 'Antigen-presenting glycoprotein CD1d1'
4 polymer Beta-2-microglobulin
5 branched 2-acetamido-2-deoxy-beta-D-glucopyranose-(1-4)-2-acetamido-2-deoxy-beta-D-glucopyranose
6 branched beta-D-mannopyranose-(1-4)-2-acetamido-2-deoxy-beta-D-glucopyranose-(1-4)-[alpha-L-fucopyranose-(1-6)]2-acetamido-2-deoxy-beta-D-glucopyranose
7 non-polymer GLYCEROL
8 non-polymer 'SODIUM ION'
9 non-polymer 2-acetamido-2-deoxy-beta-D-glucopyranose
10 non-polymer N-[(2S,3S,4R)-1-({4-O-[(4-chlorophenyl)methyl]-alpha-D-galactopyranosyl}oxy)-3,4-dihydroxyoctadecan-2-yl]hexacosanamide
11 water water
#
loop_
_entity_poly.entity_id
_entity_poly.type
_entity_poly.pdbx_seq_one_letter_code
_entity_poly.pdbx_strand_id
1 'polypeptide(L)'
;MKTQVEQSPQSLVVRQGENCVLQCNYSVTPDNHLRWFKQDTGKGLVSLTVLVDQKDKTSNGRYSATLDKDAKHSTLHITA
TLLDDTATYICVVGDRGSALGRLHFGAGTQLIVIPDIQNPDPAVYQLRDSKSSDKSVCLFTDFDSQTNVSQSKDSDVYIT
DKCVLDMRSMDFKSNSAVAWSNKSDFACANAFNNSIIPEDTFFPSPESS
;
C
2 'polypeptide(L)'
;MEAAVTQSPRNKVAVTGGKVTLSCNQTNNHNNMYWYRQDTGHGLRLIHYSYGAGSTEKGDIPDGYKASRPSQENFSLILE
LATPSQTSVYFCASGDEGYTQYFGPGTRLLVLEDLRNVTPPKVSLFEPSKAEISHTQKATLVCLATGFYPDHVELSWWVN
GKEVHSGVCTDPQPLKEQPALNDSRYSLSSRLRVSATFWQNPRNHFRCQVQFYGLSENDEWTQDRAKPVTQIVSAEAWGR
A
;
D
3 'polypeptide(L)'
;SEAQQKNYTFRCLQMSSFANRSWSRTDSVVWLGDLQTHRWSNDSATISFTKPWSQGKLSNQQWEKLQHMFQVYRVSFTRD
IQELVKMMSPKEDYPIEIQLSAGCEMYPGNASESFLHVAFQGKYVVRFWGTSWQTVPGAPSWLDLPIKVLNADQGTSATV
QMLLNDTCPLFVRGLLEAGKSDLEKQEKPVAWLSSVPSSAHGHRQLVCHVSGFYPKPVWVMWMRGDQEQQGTHRGDFLPN
ADETWYLQATLDVEAGEEAGLACRVKHSSLGGQDIILYWHHHHHH
;
A
4 'polypeptide(L)'
;IQKTPQIQVYSRHPPENGKPNILNCYVTQFHPPHIEIQMLKNGKKIPKVEMSDMSFSKDWSFYILAHTEFTPTETDTYAC
RVKHASMAEPKTVYWDRDM
;
B
#
# COMPACT_ATOMS: atom_id res chain seq x y z
N THR A 3 9.32 1.65 13.15
CA THR A 3 8.05 1.17 12.48
C THR A 3 7.06 2.34 12.40
N GLN A 4 6.12 2.23 11.45
CA GLN A 4 5.20 3.32 11.12
C GLN A 4 3.93 3.26 11.96
N VAL A 5 3.71 2.15 12.67
CA VAL A 5 2.55 2.00 13.55
C VAL A 5 3.01 1.52 14.93
N GLU A 6 2.70 2.30 15.97
CA GLU A 6 3.08 2.03 17.36
C GLU A 6 1.83 1.98 18.24
N GLN A 7 1.76 0.95 19.10
CA GLN A 7 0.64 0.77 20.00
C GLN A 7 1.15 0.90 21.43
N SER A 8 0.26 1.40 22.30
CA SER A 8 0.50 1.64 23.72
C SER A 8 -0.80 1.33 24.46
N PRO A 9 -0.74 0.70 25.65
CA PRO A 9 0.44 0.11 26.25
C PRO A 9 0.87 -1.18 25.54
N GLN A 10 2.10 -1.63 25.79
CA GLN A 10 2.60 -2.91 25.29
C GLN A 10 1.75 -4.04 25.89
N SER A 11 1.43 -3.93 27.18
CA SER A 11 0.60 -4.90 27.87
C SER A 11 -0.06 -4.25 29.10
N LEU A 12 -1.16 -4.84 29.56
CA LEU A 12 -1.82 -4.37 30.77
C LEU A 12 -2.70 -5.48 31.36
N VAL A 13 -2.88 -5.41 32.68
CA VAL A 13 -3.70 -6.29 33.49
C VAL A 13 -4.83 -5.44 34.08
N VAL A 14 -6.08 -5.88 33.92
CA VAL A 14 -7.24 -5.23 34.49
C VAL A 14 -8.14 -6.31 35.09
N ARG A 15 -9.07 -5.88 35.95
CA ARG A 15 -10.00 -6.75 36.63
C ARG A 15 -11.36 -6.66 35.92
N GLN A 16 -12.01 -7.82 35.77
CA GLN A 16 -13.34 -7.95 35.20
C GLN A 16 -14.23 -6.78 35.62
N GLY A 17 -14.92 -6.17 34.65
CA GLY A 17 -15.85 -5.10 34.89
C GLY A 17 -15.24 -3.72 34.72
N GLU A 18 -13.90 -3.62 34.73
CA GLU A 18 -13.19 -2.34 34.54
C GLU A 18 -13.08 -2.04 33.04
N ASN A 19 -13.04 -0.75 32.72
CA ASN A 19 -12.83 -0.27 31.36
C ASN A 19 -11.32 -0.18 31.07
N CYS A 20 -10.94 -0.21 29.79
CA CYS A 20 -9.57 0.13 29.42
C CYS A 20 -9.54 0.82 28.06
N VAL A 21 -8.45 1.55 27.81
CA VAL A 21 -8.21 2.33 26.60
C VAL A 21 -6.94 1.78 25.97
N LEU A 22 -6.98 1.50 24.66
CA LEU A 22 -5.82 1.10 23.91
C LEU A 22 -5.49 2.22 22.89
N GLN A 23 -4.20 2.49 22.70
N GLN A 23 -4.20 2.53 22.74
CA GLN A 23 -3.74 3.62 21.89
CA GLN A 23 -3.72 3.64 21.90
C GLN A 23 -3.00 3.10 20.66
C GLN A 23 -3.03 3.08 20.64
N CYS A 24 -3.21 3.78 19.52
CA CYS A 24 -2.50 3.53 18.27
C CYS A 24 -2.07 4.88 17.68
N ASN A 25 -0.77 4.99 17.40
CA ASN A 25 -0.17 6.16 16.79
C ASN A 25 0.62 5.70 15.56
N TYR A 26 0.49 6.44 14.46
CA TYR A 26 1.08 6.03 13.20
C TYR A 26 1.71 7.25 12.50
N SER A 27 2.68 6.98 11.62
CA SER A 27 3.26 7.98 10.72
C SER A 27 2.96 7.65 9.25
N VAL A 28 2.14 6.60 9.00
CA VAL A 28 1.77 6.14 7.66
C VAL A 28 1.11 7.27 6.88
N THR A 29 1.49 7.41 5.60
CA THR A 29 0.95 8.43 4.68
C THR A 29 0.77 7.83 3.28
N PRO A 30 -0.40 8.01 2.67
CA PRO A 30 -1.60 8.52 3.32
C PRO A 30 -2.24 7.43 4.20
N ASP A 31 -3.29 7.83 4.92
CA ASP A 31 -4.03 7.01 5.86
C ASP A 31 -5.47 6.92 5.36
N ASN A 32 -5.76 5.89 4.55
CA ASN A 32 -7.10 5.72 4.00
C ASN A 32 -8.05 5.27 5.09
N HIS A 33 -7.65 4.24 5.83
CA HIS A 33 -8.49 3.66 6.85
C HIS A 33 -7.63 2.96 7.92
N LEU A 34 -8.23 2.75 9.09
CA LEU A 34 -7.59 2.10 10.23
C LEU A 34 -8.54 1.05 10.81
N ARG A 35 -8.01 -0.14 11.03
CA ARG A 35 -8.77 -1.28 11.52
C ARG A 35 -8.17 -1.77 12.84
N TRP A 36 -9.04 -2.20 13.75
CA TRP A 36 -8.64 -2.87 14.98
C TRP A 36 -9.00 -4.35 14.91
N PHE A 37 -8.02 -5.19 15.20
CA PHE A 37 -8.17 -6.63 15.21
C PHE A 37 -8.08 -7.14 16.65
N LYS A 38 -8.85 -8.21 16.93
CA LYS A 38 -8.69 -8.99 18.15
C LYS A 38 -8.09 -10.35 17.79
N GLN A 39 -7.01 -10.73 18.49
CA GLN A 39 -6.37 -12.05 18.28
C GLN A 39 -6.22 -12.77 19.61
N ASP A 40 -7.08 -13.77 19.83
CA ASP A 40 -6.93 -14.73 20.94
C ASP A 40 -5.63 -15.52 20.74
N THR A 41 -5.10 -16.02 21.85
CA THR A 41 -3.82 -16.73 21.90
C THR A 41 -3.91 -17.98 21.00
N GLY A 42 -3.01 -18.03 20.01
CA GLY A 42 -2.86 -19.15 19.09
C GLY A 42 -3.91 -19.16 17.98
N LYS A 43 -4.64 -18.05 17.79
CA LYS A 43 -5.79 -17.99 16.90
C LYS A 43 -5.54 -16.93 15.82
N GLY A 44 -6.61 -16.63 15.07
CA GLY A 44 -6.57 -15.72 13.95
C GLY A 44 -7.08 -14.35 14.32
N LEU A 45 -7.30 -13.53 13.28
CA LEU A 45 -7.55 -12.13 13.40
C LEU A 45 -9.05 -11.87 13.20
N VAL A 46 -9.73 -11.47 14.27
CA VAL A 46 -11.13 -11.06 14.23
C VAL A 46 -11.17 -9.52 14.18
N SER A 47 -11.77 -8.99 13.11
CA SER A 47 -11.97 -7.54 12.95
C SER A 47 -13.01 -7.04 13.97
N LEU A 48 -12.71 -5.94 14.66
CA LEU A 48 -13.60 -5.32 15.64
C LEU A 48 -14.31 -4.10 15.05
N THR A 49 -13.57 -3.32 14.25
CA THR A 49 -14.09 -2.08 13.68
C THR A 49 -13.09 -1.54 12.64
N VAL A 50 -13.59 -0.72 11.72
CA VAL A 50 -12.77 -0.02 10.76
C VAL A 50 -13.23 1.44 10.72
N LEU A 51 -12.28 2.35 10.89
CA LEU A 51 -12.52 3.79 10.89
C LEU A 51 -11.95 4.37 9.59
N VAL A 52 -12.71 5.27 8.95
CA VAL A 52 -12.39 5.75 7.59
C VAL A 52 -12.41 7.28 7.50
N ASP A 53 -13.09 7.98 8.41
CA ASP A 53 -13.25 9.45 8.32
C ASP A 53 -12.10 10.18 9.05
N GLN A 54 -11.96 11.46 8.68
CA GLN A 54 -10.98 12.40 9.24
C GLN A 54 -11.05 12.41 10.79
N LYS A 55 -12.28 12.56 11.30
CA LYS A 55 -12.59 12.53 12.72
C LYS A 55 -13.72 11.51 12.92
N ASP A 56 -13.36 10.24 13.15
CA ASP A 56 -14.34 9.14 13.09
C ASP A 56 -14.55 8.53 14.48
N LYS A 57 -15.74 7.96 14.65
CA LYS A 57 -16.17 7.26 15.86
C LYS A 57 -16.99 6.04 15.41
N THR A 58 -16.71 4.88 16.02
CA THR A 58 -17.47 3.67 15.77
C THR A 58 -17.77 2.97 17.10
N SER A 59 -18.68 2.00 17.03
CA SER A 59 -19.07 1.19 18.16
C SER A 59 -19.48 -0.20 17.67
N ASN A 60 -19.23 -1.20 18.52
CA ASN A 60 -19.61 -2.56 18.30
C ASN A 60 -19.68 -3.22 19.68
N GLY A 61 -20.88 -3.23 20.25
CA GLY A 61 -21.13 -3.70 21.60
C GLY A 61 -20.31 -2.91 22.60
N ARG A 62 -19.49 -3.64 23.37
CA ARG A 62 -18.65 -3.08 24.43
C ARG A 62 -17.40 -2.39 23.84
N TYR A 63 -17.07 -2.64 22.57
CA TYR A 63 -15.95 -1.98 21.88
C TYR A 63 -16.43 -0.68 21.24
N SER A 64 -15.73 0.43 21.51
CA SER A 64 -15.88 1.65 20.73
C SER A 64 -14.49 2.19 20.39
N ALA A 65 -14.41 3.00 19.32
CA ALA A 65 -13.14 3.48 18.81
C ALA A 65 -13.28 4.91 18.29
N THR A 66 -12.15 5.63 18.25
CA THR A 66 -12.04 6.95 17.68
C THR A 66 -10.83 6.98 16.74
N LEU A 67 -10.86 7.89 15.77
CA LEU A 67 -9.73 8.15 14.88
C LEU A 67 -9.64 9.65 14.62
N ASP A 68 -8.43 10.19 14.76
CA ASP A 68 -8.11 11.55 14.41
C ASP A 68 -6.94 11.52 13.41
N LYS A 69 -7.26 11.75 12.13
CA LYS A 69 -6.28 11.62 11.04
C LYS A 69 -5.25 12.75 11.11
N ASP A 70 -5.64 13.96 11.56
CA ASP A 70 -4.70 15.09 11.71
C ASP A 70 -3.59 14.71 12.70
N ALA A 71 -3.98 14.14 13.86
CA ALA A 71 -3.04 13.74 14.91
C ALA A 71 -2.42 12.36 14.62
N LYS A 72 -2.99 11.62 13.66
CA LYS A 72 -2.57 10.27 13.30
C LYS A 72 -2.65 9.39 14.56
N HIS A 73 -3.86 9.31 15.13
CA HIS A 73 -4.05 8.72 16.42
C HIS A 73 -5.43 8.03 16.50
N SER A 74 -5.44 6.80 17.02
CA SER A 74 -6.67 6.05 17.28
C SER A 74 -6.64 5.44 18.68
N THR A 75 -7.80 5.43 19.34
CA THR A 75 -7.99 4.70 20.58
C THR A 75 -9.11 3.67 20.40
N LEU A 76 -8.94 2.51 21.06
CA LEU A 76 -9.99 1.53 21.23
C LEU A 76 -10.37 1.47 22.72
N HIS A 77 -11.67 1.65 22.99
CA HIS A 77 -12.25 1.58 24.33
CA HIS A 77 -12.21 1.57 24.34
C HIS A 77 -12.98 0.24 24.48
N ILE A 78 -12.64 -0.52 25.52
CA ILE A 78 -13.38 -1.72 25.93
C ILE A 78 -14.12 -1.37 27.22
N THR A 79 -15.46 -1.45 27.20
CA THR A 79 -16.29 -1.22 28.39
C THR A 79 -16.55 -2.55 29.10
N ALA A 80 -16.47 -2.54 30.44
CA ALA A 80 -16.84 -3.65 31.29
C ALA A 80 -16.19 -4.96 30.79
N THR A 81 -14.86 -5.06 30.99
CA THR A 81 -14.09 -6.15 30.43
C THR A 81 -14.59 -7.49 30.99
N LEU A 82 -14.57 -8.52 30.14
CA LEU A 82 -14.82 -9.91 30.50
C LEU A 82 -13.54 -10.72 30.27
N LEU A 83 -13.52 -11.93 30.84
CA LEU A 83 -12.40 -12.86 30.73
C LEU A 83 -11.99 -13.03 29.26
N ASP A 84 -12.97 -13.19 28.37
CA ASP A 84 -12.76 -13.49 26.94
C ASP A 84 -12.13 -12.31 26.19
N ASP A 85 -12.11 -11.10 26.77
CA ASP A 85 -11.37 -9.96 26.21
C ASP A 85 -9.85 -10.17 26.33
N THR A 86 -9.43 -11.18 27.13
CA THR A 86 -8.03 -11.56 27.24
C THR A 86 -7.51 -11.95 25.84
N ALA A 87 -6.59 -11.13 25.30
CA ALA A 87 -6.18 -11.26 23.91
C ALA A 87 -5.14 -10.18 23.56
N THR A 88 -4.63 -10.27 22.34
CA THR A 88 -3.81 -9.23 21.75
C THR A 88 -4.68 -8.39 20.82
N TYR A 89 -4.52 -7.07 20.89
CA TYR A 89 -5.29 -6.13 20.09
C TYR A 89 -4.35 -5.40 19.13
N ILE A 90 -4.64 -5.53 17.83
CA ILE A 90 -3.73 -5.12 16.79
C ILE A 90 -4.38 -4.02 15.95
N CYS A 91 -3.57 -3.00 15.67
CA CYS A 91 -3.90 -1.81 14.93
C CYS A 91 -3.30 -1.94 13.54
N VAL A 92 -4.09 -1.64 12.49
CA VAL A 92 -3.65 -1.75 11.09
C VAL A 92 -4.10 -0.50 10.33
N VAL A 93 -3.18 0.10 9.58
CA VAL A 93 -3.48 1.23 8.72
C VAL A 93 -3.25 0.80 7.27
N GLY A 94 -4.29 1.00 6.44
CA GLY A 94 -4.22 0.81 5.01
C GLY A 94 -4.02 2.14 4.32
N ASP A 95 -3.07 2.18 3.38
CA ASP A 95 -2.63 3.44 2.77
C ASP A 95 -3.37 3.70 1.45
N ARG A 96 -4.31 2.84 1.06
CA ARG A 96 -5.15 3.06 -0.13
C ARG A 96 -6.58 2.58 0.13
N GLY A 97 -7.54 3.18 -0.57
CA GLY A 97 -8.94 2.74 -0.58
C GLY A 97 -9.21 1.62 -1.57
N SER A 98 -8.16 0.87 -1.96
CA SER A 98 -8.25 -0.21 -2.94
C SER A 98 -7.14 -1.25 -2.69
N ALA A 99 -7.13 -2.30 -3.51
CA ALA A 99 -6.17 -3.43 -3.41
C ALA A 99 -4.74 -3.00 -3.77
N LEU A 100 -4.56 -1.78 -4.26
CA LEU A 100 -3.24 -1.20 -4.50
C LEU A 100 -2.57 -0.84 -3.16
N GLY A 101 -3.32 -0.97 -2.06
CA GLY A 101 -2.88 -0.59 -0.72
C GLY A 101 -1.92 -1.61 -0.11
N ARG A 102 -1.01 -1.09 0.69
CA ARG A 102 -0.23 -1.85 1.64
C ARG A 102 -0.85 -1.64 3.03
N LEU A 103 -0.91 -2.72 3.83
CA LEU A 103 -1.26 -2.66 5.26
C LEU A 103 0.00 -2.50 6.11
N HIS A 104 -0.14 -1.69 7.16
CA HIS A 104 0.94 -1.38 8.10
C HIS A 104 0.47 -1.81 9.50
N PHE A 105 1.03 -2.92 10.00
CA PHE A 105 0.55 -3.57 11.22
C PHE A 105 1.34 -3.06 12.43
N GLY A 106 0.63 -2.68 13.49
CA GLY A 106 1.23 -2.51 14.81
C GLY A 106 1.56 -3.87 15.42
N ALA A 107 2.42 -3.86 16.44
CA ALA A 107 2.89 -5.08 17.09
C ALA A 107 1.88 -5.56 18.14
N GLY A 108 0.87 -4.75 18.44
CA GLY A 108 -0.24 -5.18 19.29
C GLY A 108 -0.03 -4.84 20.76
N THR A 109 -1.14 -4.87 21.50
CA THR A 109 -1.21 -4.66 22.94
C THR A 109 -1.80 -5.94 23.56
N GLN A 110 -1.11 -6.53 24.54
CA GLN A 110 -1.62 -7.73 25.24
C GLN A 110 -2.47 -7.29 26.44
N LEU A 111 -3.75 -7.68 26.43
CA LEU A 111 -4.66 -7.43 27.53
C LEU A 111 -4.90 -8.74 28.31
N ILE A 112 -4.76 -8.68 29.64
CA ILE A 112 -5.16 -9.77 30.52
C ILE A 112 -6.24 -9.25 31.46
N VAL A 113 -7.40 -9.93 31.45
CA VAL A 113 -8.50 -9.64 32.32
C VAL A 113 -8.55 -10.72 33.40
N ILE A 114 -8.35 -10.31 34.67
CA ILE A 114 -8.48 -11.21 35.81
C ILE A 114 -9.95 -11.38 36.12
N PRO A 115 -10.49 -12.63 36.10
CA PRO A 115 -11.90 -12.87 36.35
C PRO A 115 -12.29 -12.75 37.84
N ASP A 116 -13.55 -12.40 38.07
CA ASP A 116 -14.13 -12.20 39.39
C ASP A 116 -14.68 -13.54 39.90
N ILE A 117 -14.03 -14.11 40.92
CA ILE A 117 -14.49 -15.32 41.57
C ILE A 117 -15.36 -14.93 42.78
N GLN A 118 -16.68 -15.09 42.63
CA GLN A 118 -17.67 -14.63 43.59
C GLN A 118 -17.66 -15.54 44.83
N ASN A 119 -17.68 -16.86 44.60
CA ASN A 119 -17.92 -17.85 45.66
C ASN A 119 -16.77 -18.85 45.71
N PRO A 120 -15.58 -18.45 46.23
CA PRO A 120 -14.44 -19.35 46.34
C PRO A 120 -14.68 -20.50 47.33
N ASP A 121 -13.96 -21.61 47.14
CA ASP A 121 -14.09 -22.83 47.93
C ASP A 121 -12.79 -23.62 47.80
N PRO A 122 -11.63 -23.03 48.18
CA PRO A 122 -10.33 -23.64 47.93
C PRO A 122 -10.23 -25.09 48.47
N ALA A 123 -9.69 -25.99 47.64
CA ALA A 123 -9.58 -27.42 47.96
C ALA A 123 -8.45 -28.07 47.16
N VAL A 124 -7.96 -29.21 47.66
CA VAL A 124 -6.97 -30.03 46.97
C VAL A 124 -7.44 -31.48 46.94
N TYR A 125 -7.85 -31.93 45.75
CA TYR A 125 -8.39 -33.26 45.52
C TYR A 125 -7.33 -34.14 44.84
N GLN A 126 -7.41 -35.44 45.09
CA GLN A 126 -6.61 -36.42 44.37
C GLN A 126 -7.49 -37.09 43.31
N LEU A 127 -6.96 -37.19 42.10
CA LEU A 127 -7.64 -37.80 40.95
C LEU A 127 -6.83 -39.03 40.52
N ARG A 128 -7.53 -40.11 40.14
CA ARG A 128 -6.86 -41.37 39.77
C ARG A 128 -7.04 -41.63 38.28
N ASP A 129 -6.04 -42.31 37.70
CA ASP A 129 -5.94 -42.58 36.27
C ASP A 129 -6.99 -43.63 35.85
N SER A 130 -7.58 -43.43 34.67
CA SER A 130 -8.59 -44.31 34.05
C SER A 130 -8.13 -45.77 34.00
N LYS A 131 -6.86 -45.97 33.60
CA LYS A 131 -6.29 -47.27 33.36
C LYS A 131 -5.54 -47.72 34.62
N SER A 132 -4.25 -47.37 34.72
CA SER A 132 -3.40 -47.78 35.85
C SER A 132 -3.70 -46.90 37.07
N SER A 133 -4.43 -47.47 38.04
CA SER A 133 -5.03 -46.73 39.15
C SER A 133 -4.00 -46.28 40.19
N ASP A 134 -2.75 -46.77 40.06
CA ASP A 134 -1.65 -46.41 40.97
C ASP A 134 -1.19 -44.96 40.77
N LYS A 135 -1.37 -44.43 39.55
CA LYS A 135 -0.94 -43.06 39.20
C LYS A 135 -2.07 -42.07 39.56
N SER A 136 -1.69 -40.84 39.93
CA SER A 136 -2.63 -39.81 40.34
C SER A 136 -2.07 -38.40 40.09
N VAL A 137 -2.95 -37.41 40.20
CA VAL A 137 -2.58 -35.99 40.17
C VAL A 137 -3.27 -35.31 41.35
N CYS A 138 -2.79 -34.13 41.71
CA CYS A 138 -3.39 -33.30 42.74
C CYS A 138 -3.95 -32.03 42.09
N LEU A 139 -5.25 -31.79 42.30
CA LEU A 139 -5.95 -30.68 41.72
C LEU A 139 -6.25 -29.65 42.80
N PHE A 140 -5.50 -28.54 42.78
CA PHE A 140 -5.78 -27.37 43.60
C PHE A 140 -6.79 -26.51 42.83
N THR A 141 -8.02 -26.38 43.34
CA THR A 141 -9.10 -25.69 42.61
C THR A 141 -9.87 -24.75 43.53
N ASP A 142 -10.63 -23.86 42.91
CA ASP A 142 -11.70 -23.05 43.52
C ASP A 142 -11.13 -21.97 44.44
N PHE A 143 -9.87 -21.57 44.23
CA PHE A 143 -9.27 -20.44 44.95
C PHE A 143 -9.56 -19.14 44.18
N ASP A 144 -9.60 -18.02 44.91
CA ASP A 144 -9.88 -16.71 44.28
C ASP A 144 -8.58 -16.19 43.66
N SER A 145 -8.68 -15.06 42.95
CA SER A 145 -7.61 -14.58 42.09
C SER A 145 -6.55 -13.80 42.88
N GLN A 146 -6.67 -13.79 44.21
CA GLN A 146 -5.66 -13.20 45.10
C GLN A 146 -4.63 -14.25 45.53
N THR A 147 -4.86 -15.51 45.15
CA THR A 147 -3.96 -16.64 45.46
C THR A 147 -3.00 -16.87 44.30
N ASN A 148 -1.71 -17.03 44.61
CA ASN A 148 -0.65 -17.28 43.63
C ASN A 148 -0.16 -18.73 43.79
N VAL A 149 0.28 -19.34 42.68
CA VAL A 149 0.77 -20.72 42.68
C VAL A 149 2.23 -20.69 42.20
N SER A 150 3.14 -21.15 43.08
CA SER A 150 4.56 -21.19 42.78
C SER A 150 4.93 -22.59 42.29
N GLN A 151 6.04 -22.67 41.53
CA GLN A 151 6.67 -23.93 41.13
C GLN A 151 7.10 -24.68 42.41
N SER A 152 7.53 -25.94 42.26
CA SER A 152 7.92 -26.76 43.42
C SER A 152 9.42 -26.64 43.68
N LYS A 153 9.81 -26.91 44.93
CA LYS A 153 11.22 -26.97 45.35
C LYS A 153 11.86 -28.26 44.81
N ASP A 154 11.12 -29.38 44.90
CA ASP A 154 11.52 -30.64 44.30
C ASP A 154 11.33 -30.56 42.78
N SER A 155 12.33 -31.02 42.01
CA SER A 155 12.31 -30.96 40.55
C SER A 155 11.74 -32.27 39.96
N ASP A 156 11.45 -33.25 40.82
CA ASP A 156 10.72 -34.46 40.43
C ASP A 156 9.20 -34.19 40.50
N VAL A 157 8.80 -33.11 41.18
CA VAL A 157 7.39 -32.70 41.26
C VAL A 157 7.13 -31.62 40.20
N TYR A 158 5.98 -31.74 39.53
CA TYR A 158 5.57 -30.83 38.47
C TYR A 158 4.29 -30.10 38.91
N ILE A 159 4.25 -28.78 38.67
CA ILE A 159 3.09 -27.97 38.99
C ILE A 159 2.85 -27.00 37.84
N THR A 160 1.59 -26.89 37.41
CA THR A 160 1.20 -26.00 36.33
C THR A 160 0.97 -24.59 36.91
N ASP A 161 0.98 -23.59 36.03
CA ASP A 161 0.48 -22.27 36.35
C ASP A 161 -1.03 -22.41 36.60
N LYS A 162 -1.63 -21.39 37.23
CA LYS A 162 -3.06 -21.36 37.41
C LYS A 162 -3.72 -21.08 36.04
N CYS A 163 -4.99 -21.46 35.95
CA CYS A 163 -5.74 -21.47 34.72
C CYS A 163 -7.22 -21.46 35.09
N VAL A 164 -8.00 -20.56 34.47
CA VAL A 164 -9.40 -20.39 34.82
C VAL A 164 -10.30 -20.97 33.73
N LEU A 165 -11.27 -21.79 34.13
CA LEU A 165 -12.25 -22.36 33.22
C LEU A 165 -13.62 -21.70 33.50
N ASP A 166 -14.50 -21.78 32.49
CA ASP A 166 -15.77 -21.10 32.49
C ASP A 166 -16.85 -22.11 32.10
N MET A 167 -17.65 -22.52 33.09
CA MET A 167 -18.84 -23.33 32.86
C MET A 167 -19.96 -22.39 32.45
N ARG A 168 -20.06 -22.14 31.14
CA ARG A 168 -20.81 -21.01 30.57
C ARG A 168 -22.30 -21.10 30.92
N SER A 169 -22.86 -22.33 30.86
CA SER A 169 -24.30 -22.57 31.04
C SER A 169 -24.74 -22.35 32.51
N MET A 170 -23.79 -22.45 33.45
CA MET A 170 -24.04 -22.20 34.87
C MET A 170 -23.58 -20.79 35.29
N ASP A 171 -22.95 -20.05 34.36
CA ASP A 171 -22.35 -18.73 34.65
C ASP A 171 -21.45 -18.86 35.88
N PHE A 172 -20.41 -19.68 35.75
CA PHE A 172 -19.57 -20.08 36.87
C PHE A 172 -18.12 -20.21 36.39
N LYS A 173 -17.19 -19.57 37.12
CA LYS A 173 -15.77 -19.61 36.82
C LYS A 173 -15.00 -20.14 38.03
N SER A 174 -13.92 -20.89 37.78
CA SER A 174 -13.04 -21.42 38.82
C SER A 174 -11.59 -21.50 38.31
N ASN A 175 -10.65 -21.19 39.22
CA ASN A 175 -9.21 -21.36 39.00
C ASN A 175 -8.83 -22.79 39.39
N SER A 176 -7.74 -23.29 38.82
CA SER A 176 -7.17 -24.55 39.23
C SER A 176 -5.69 -24.60 38.87
N ALA A 177 -4.98 -25.51 39.52
CA ALA A 177 -3.64 -25.90 39.18
C ALA A 177 -3.49 -27.39 39.46
N VAL A 178 -2.57 -28.03 38.75
CA VAL A 178 -2.39 -29.47 38.81
C VAL A 178 -0.94 -29.73 39.21
N ALA A 179 -0.75 -30.76 40.06
CA ALA A 179 0.56 -31.21 40.47
C ALA A 179 0.61 -32.74 40.42
N TRP A 180 1.76 -33.29 40.01
CA TRP A 180 1.99 -34.73 39.94
C TRP A 180 3.50 -35.02 40.10
N SER A 181 3.82 -36.30 40.39
CA SER A 181 5.20 -36.75 40.60
C SER A 181 5.27 -38.29 40.61
N ASN A 182 6.40 -38.84 41.09
CA ASN A 182 6.58 -40.28 41.38
C ASN A 182 7.82 -40.47 42.28
N PHE A 186 5.27 -38.69 47.60
CA PHE A 186 4.48 -37.55 47.14
C PHE A 186 2.99 -37.81 47.43
N ALA A 187 2.34 -36.81 48.05
CA ALA A 187 0.91 -36.80 48.31
C ALA A 187 0.41 -35.35 48.20
N CYS A 188 -0.92 -35.21 48.15
CA CYS A 188 -1.57 -33.94 47.84
C CYS A 188 -1.47 -32.94 49.00
N ALA A 189 -1.24 -33.45 50.23
CA ALA A 189 -1.00 -32.59 51.40
C ALA A 189 0.30 -31.80 51.23
N ASN A 190 1.29 -32.41 50.59
CA ASN A 190 2.64 -31.85 50.41
C ASN A 190 2.78 -31.09 49.09
N ALA A 191 1.83 -31.34 48.16
CA ALA A 191 1.98 -30.94 46.76
C ALA A 191 2.22 -29.43 46.63
N PHE A 192 1.44 -28.62 47.36
CA PHE A 192 1.44 -27.16 47.21
C PHE A 192 2.08 -26.47 48.43
N ASN A 193 3.05 -27.15 49.07
CA ASN A 193 3.76 -26.64 50.25
C ASN A 193 4.41 -25.28 49.94
N ASN A 194 5.08 -25.19 48.79
CA ASN A 194 5.86 -24.02 48.40
C ASN A 194 4.95 -22.88 47.88
N SER A 195 3.62 -23.02 48.08
CA SER A 195 2.64 -21.98 47.74
C SER A 195 1.97 -21.48 49.02
N ILE A 196 1.70 -20.17 49.05
CA ILE A 196 0.88 -19.57 50.09
C ILE A 196 -0.59 -19.74 49.66
N ILE A 197 -1.23 -20.79 50.20
CA ILE A 197 -2.62 -21.14 49.90
C ILE A 197 -3.49 -20.71 51.07
N PRO A 198 -4.79 -20.41 50.85
CA PRO A 198 -5.69 -20.01 51.94
C PRO A 198 -5.68 -20.96 53.15
N GLU A 199 -6.03 -20.42 54.33
CA GLU A 199 -5.94 -21.15 55.60
C GLU A 199 -7.07 -22.18 55.67
N ASP A 200 -8.22 -21.84 55.08
CA ASP A 200 -9.45 -22.66 55.14
C ASP A 200 -9.47 -23.70 54.01
N THR A 201 -8.33 -23.93 53.34
CA THR A 201 -8.22 -24.87 52.22
C THR A 201 -8.64 -26.28 52.67
N PHE A 202 -9.55 -26.88 51.91
CA PHE A 202 -10.10 -28.20 52.16
C PHE A 202 -9.13 -29.28 51.68
N PHE A 203 -8.73 -30.16 52.61
CA PHE A 203 -8.01 -31.39 52.30
C PHE A 203 -8.86 -32.57 52.73
N PRO A 204 -9.58 -33.26 51.81
CA PRO A 204 -10.36 -34.44 52.19
C PRO A 204 -9.45 -35.62 52.58
N SER A 205 -9.97 -36.47 53.48
CA SER A 205 -9.25 -37.65 53.95
C SER A 205 -8.73 -38.47 52.77
N ALA B 3 -16.46 -14.25 3.00
CA ALA B 3 -15.30 -14.65 2.14
C ALA B 3 -14.29 -15.47 2.97
N ALA B 4 -14.38 -16.81 2.86
CA ALA B 4 -13.62 -17.76 3.70
C ALA B 4 -12.31 -18.18 3.00
N VAL B 5 -11.22 -18.19 3.79
CA VAL B 5 -9.89 -18.58 3.34
C VAL B 5 -9.38 -19.70 4.24
N THR B 6 -8.77 -20.74 3.63
CA THR B 6 -8.28 -21.90 4.37
C THR B 6 -6.78 -22.05 4.11
N GLN B 7 -6.05 -22.55 5.12
CA GLN B 7 -4.62 -22.80 5.05
C GLN B 7 -4.36 -24.24 5.47
N SER B 8 -3.39 -24.88 4.83
CA SER B 8 -2.93 -26.18 5.23
C SER B 8 -1.45 -26.29 4.91
N PRO B 9 -0.69 -27.02 5.74
CA PRO B 9 -1.18 -27.58 6.98
C PRO B 9 -1.36 -26.47 8.01
N ARG B 10 -2.04 -26.78 9.12
CA ARG B 10 -2.32 -25.79 10.16
C ARG B 10 -1.13 -25.70 11.13
N ASN B 11 -0.28 -26.72 11.10
CA ASN B 11 0.82 -26.86 12.03
C ASN B 11 1.84 -27.82 11.40
N LYS B 12 3.13 -27.50 11.53
CA LYS B 12 4.18 -28.25 10.83
C LYS B 12 5.51 -28.16 11.57
N VAL B 13 6.09 -29.33 11.88
CA VAL B 13 7.46 -29.48 12.36
C VAL B 13 8.34 -29.93 11.20
N ALA B 14 9.48 -29.23 11.02
CA ALA B 14 10.40 -29.45 9.90
C ALA B 14 11.84 -29.36 10.38
N VAL B 15 12.75 -29.95 9.61
CA VAL B 15 14.19 -29.92 9.88
C VAL B 15 14.85 -28.86 8.98
N THR B 16 15.97 -28.29 9.45
CA THR B 16 16.82 -27.42 8.65
C THR B 16 17.25 -28.15 7.38
N GLY B 17 17.14 -27.46 6.23
CA GLY B 17 17.51 -28.00 4.94
C GLY B 17 16.35 -28.69 4.23
N GLY B 18 15.31 -29.03 4.98
CA GLY B 18 14.10 -29.63 4.44
C GLY B 18 13.29 -28.63 3.63
N LYS B 19 12.42 -29.18 2.76
CA LYS B 19 11.52 -28.41 1.93
C LYS B 19 10.16 -28.36 2.62
N VAL B 20 9.61 -27.16 2.78
CA VAL B 20 8.30 -26.95 3.38
C VAL B 20 7.43 -26.16 2.41
N THR B 21 6.19 -26.60 2.25
CA THR B 21 5.22 -25.94 1.39
C THR B 21 4.01 -25.56 2.24
N LEU B 22 3.77 -24.26 2.37
CA LEU B 22 2.58 -23.73 3.03
C LEU B 22 1.57 -23.35 1.95
N SER B 23 0.34 -23.85 2.11
CA SER B 23 -0.68 -23.72 1.08
C SER B 23 -1.87 -22.92 1.58
N CYS B 24 -2.48 -22.18 0.66
CA CYS B 24 -3.63 -21.35 0.93
C CYS B 24 -4.65 -21.54 -0.19
N ASN B 25 -5.90 -21.84 0.18
CA ASN B 25 -7.01 -22.03 -0.77
C ASN B 25 -8.13 -21.03 -0.44
N GLN B 26 -8.79 -20.56 -1.50
CA GLN B 26 -9.77 -19.51 -1.43
C GLN B 26 -10.75 -19.70 -2.61
N THR B 27 -12.06 -19.84 -2.31
CA THR B 27 -13.07 -20.14 -3.33
C THR B 27 -14.01 -18.94 -3.55
N ASN B 28 -13.47 -17.72 -3.43
CA ASN B 28 -14.22 -16.46 -3.56
C ASN B 28 -13.98 -15.82 -4.94
N ASN B 29 -13.10 -16.42 -5.74
CA ASN B 29 -12.73 -15.91 -7.06
C ASN B 29 -12.01 -14.54 -6.91
N HIS B 30 -11.25 -14.41 -5.82
CA HIS B 30 -10.38 -13.25 -5.59
C HIS B 30 -9.10 -13.40 -6.40
N ASN B 31 -8.76 -12.35 -7.17
CA ASN B 31 -7.54 -12.27 -7.95
C ASN B 31 -6.31 -12.21 -7.03
N ASN B 32 -6.46 -11.57 -5.86
CA ASN B 32 -5.33 -11.08 -5.10
C ASN B 32 -5.16 -11.94 -3.84
N MET B 33 -3.93 -12.40 -3.59
CA MET B 33 -3.58 -13.19 -2.40
C MET B 33 -2.22 -12.74 -1.84
N TYR B 34 -2.06 -12.90 -0.53
CA TYR B 34 -0.98 -12.28 0.23
C TYR B 34 -0.53 -13.23 1.34
N TRP B 35 0.79 -13.37 1.48
CA TRP B 35 1.40 -14.17 2.54
C TRP B 35 2.12 -13.23 3.51
N TYR B 36 1.84 -13.40 4.80
CA TYR B 36 2.51 -12.68 5.88
C TYR B 36 3.11 -13.69 6.87
N ARG B 37 4.08 -13.23 7.67
CA ARG B 37 4.49 -13.93 8.89
C ARG B 37 4.34 -12.99 10.09
N GLN B 38 3.92 -13.57 11.22
CA GLN B 38 3.77 -12.88 12.50
C GLN B 38 4.81 -13.43 13.47
N ASP B 39 5.64 -12.52 14.02
CA ASP B 39 6.63 -12.83 15.04
C ASP B 39 6.45 -11.87 16.21
N THR B 40 6.65 -12.38 17.43
CA THR B 40 6.51 -11.60 18.65
C THR B 40 7.40 -10.36 18.56
N GLY B 41 6.84 -9.21 18.95
CA GLY B 41 7.55 -7.93 18.92
C GLY B 41 7.46 -7.24 17.56
N HIS B 42 6.81 -7.90 16.59
CA HIS B 42 6.58 -7.33 15.26
C HIS B 42 5.10 -7.43 14.90
N GLY B 43 4.62 -6.48 14.10
CA GLY B 43 3.39 -6.63 13.38
C GLY B 43 3.55 -7.67 12.29
N LEU B 44 2.42 -8.12 11.72
CA LEU B 44 2.45 -8.94 10.52
C LEU B 44 3.26 -8.23 9.44
N ARG B 45 4.12 -8.99 8.74
CA ARG B 45 4.97 -8.47 7.65
C ARG B 45 4.74 -9.28 6.36
N LEU B 46 4.65 -8.57 5.23
CA LEU B 46 4.32 -9.13 3.95
C LEU B 46 5.54 -9.81 3.34
N ILE B 47 5.40 -11.08 2.95
CA ILE B 47 6.49 -11.88 2.37
C ILE B 47 6.40 -11.81 0.83
N HIS B 48 5.29 -12.31 0.28
CA HIS B 48 4.99 -12.34 -1.14
C HIS B 48 3.49 -12.08 -1.34
N TYR B 49 3.11 -11.62 -2.53
CA TYR B 49 1.71 -11.50 -2.91
C TYR B 49 1.53 -11.86 -4.39
N SER B 50 0.27 -11.87 -4.85
CA SER B 50 -0.05 -12.28 -6.20
C SER B 50 -1.33 -11.59 -6.64
N TYR B 51 -1.30 -11.06 -7.87
CA TYR B 51 -2.44 -10.38 -8.49
C TYR B 51 -3.24 -11.33 -9.39
N GLY B 52 -2.77 -12.57 -9.55
CA GLY B 52 -3.50 -13.59 -10.30
C GLY B 52 -2.64 -14.79 -10.65
N ALA B 53 -3.27 -15.78 -11.31
CA ALA B 53 -2.61 -17.00 -11.77
C ALA B 53 -1.33 -16.63 -12.52
N GLY B 54 -0.20 -17.19 -12.07
CA GLY B 54 1.10 -17.02 -12.77
C GLY B 54 1.90 -15.84 -12.24
N SER B 55 1.22 -14.92 -11.55
CA SER B 55 1.85 -13.74 -10.96
C SER B 55 2.34 -14.09 -9.55
N THR B 56 3.57 -13.66 -9.24
CA THR B 56 4.05 -13.55 -7.88
C THR B 56 4.87 -12.26 -7.79
N GLU B 57 4.79 -11.59 -6.64
CA GLU B 57 5.48 -10.35 -6.38
C GLU B 57 6.19 -10.43 -5.03
N LYS B 58 7.39 -9.87 -4.97
CA LYS B 58 8.13 -9.75 -3.74
C LYS B 58 7.41 -8.76 -2.82
N GLY B 59 7.23 -9.16 -1.56
CA GLY B 59 6.76 -8.28 -0.50
C GLY B 59 7.92 -7.59 0.18
N ASP B 60 7.78 -7.34 1.49
CA ASP B 60 8.75 -6.57 2.26
C ASP B 60 9.91 -7.46 2.69
N ILE B 61 9.63 -8.74 2.99
CA ILE B 61 10.67 -9.66 3.46
C ILE B 61 10.61 -10.97 2.67
N PRO B 62 10.90 -10.94 1.36
CA PRO B 62 10.80 -12.14 0.53
C PRO B 62 11.94 -13.18 0.66
N ASP B 63 13.09 -12.79 1.24
CA ASP B 63 14.30 -13.62 1.22
C ASP B 63 14.05 -14.96 1.94
N GLY B 64 14.38 -16.05 1.24
CA GLY B 64 14.30 -17.40 1.78
C GLY B 64 13.00 -18.10 1.42
N TYR B 65 12.13 -17.39 0.69
CA TYR B 65 10.81 -17.86 0.32
C TYR B 65 10.62 -17.71 -1.19
N LYS B 66 9.99 -18.70 -1.80
CA LYS B 66 9.48 -18.64 -3.15
C LYS B 66 7.93 -18.75 -3.09
N ALA B 67 7.24 -17.92 -3.86
CA ALA B 67 5.80 -17.98 -3.96
C ALA B 67 5.42 -18.73 -5.24
N SER B 68 4.18 -19.17 -5.31
CA SER B 68 3.67 -19.90 -6.46
C SER B 68 2.15 -19.74 -6.53
N ARG B 69 1.67 -19.20 -7.66
CA ARG B 69 0.26 -19.03 -7.89
C ARG B 69 -0.15 -19.85 -9.11
N PRO B 70 -0.36 -21.18 -8.95
CA PRO B 70 -0.75 -22.05 -10.07
C PRO B 70 -2.19 -21.86 -10.58
N SER B 71 -3.08 -21.34 -9.72
CA SER B 71 -4.48 -21.13 -10.07
C SER B 71 -5.05 -19.97 -9.25
N GLN B 72 -6.23 -19.47 -9.69
CA GLN B 72 -6.98 -18.43 -8.98
C GLN B 72 -7.16 -18.82 -7.50
N GLU B 73 -7.35 -20.13 -7.26
CA GLU B 73 -7.78 -20.66 -5.93
C GLU B 73 -6.60 -20.83 -4.95
N ASN B 74 -5.43 -21.26 -5.43
N ASN B 74 -5.46 -21.33 -5.43
CA ASN B 74 -4.36 -21.74 -4.56
CA ASN B 74 -4.34 -21.76 -4.56
C ASN B 74 -3.14 -20.81 -4.68
C ASN B 74 -3.17 -20.77 -4.68
N PHE B 75 -2.60 -20.41 -3.52
CA PHE B 75 -1.37 -19.60 -3.41
C PHE B 75 -0.46 -20.29 -2.38
N SER B 76 0.74 -20.66 -2.82
CA SER B 76 1.65 -21.48 -2.03
C SER B 76 2.89 -20.68 -1.65
N LEU B 77 3.37 -20.92 -0.43
CA LEU B 77 4.63 -20.37 0.04
C LEU B 77 5.59 -21.54 0.23
N ILE B 78 6.71 -21.47 -0.49
CA ILE B 78 7.66 -22.55 -0.58
C ILE B 78 8.96 -22.10 0.10
N LEU B 79 9.36 -22.84 1.15
CA LEU B 79 10.68 -22.74 1.78
C LEU B 79 11.54 -23.89 1.27
N GLU B 80 12.41 -23.60 0.29
CA GLU B 80 13.17 -24.65 -0.40
C GLU B 80 14.20 -25.26 0.55
N LEU B 81 14.88 -24.40 1.32
CA LEU B 81 15.89 -24.79 2.30
C LEU B 81 15.57 -24.14 3.66
N ALA B 82 14.69 -24.80 4.42
CA ALA B 82 14.12 -24.22 5.63
C ALA B 82 15.22 -23.91 6.63
N THR B 83 15.08 -22.78 7.35
CA THR B 83 16.01 -22.40 8.43
C THR B 83 15.22 -22.13 9.71
N PRO B 84 15.85 -22.26 10.90
CA PRO B 84 15.21 -21.94 12.18
C PRO B 84 14.62 -20.52 12.29
N SER B 85 15.16 -19.57 11.53
CA SER B 85 14.68 -18.19 11.47
C SER B 85 13.29 -18.09 10.83
N GLN B 86 12.83 -19.17 10.17
CA GLN B 86 11.52 -19.23 9.53
C GLN B 86 10.49 -19.88 10.46
N THR B 87 10.90 -20.26 11.67
CA THR B 87 9.98 -20.57 12.75
C THR B 87 9.10 -19.33 12.97
N SER B 88 7.78 -19.47 12.80
CA SER B 88 6.86 -18.33 12.81
C SER B 88 5.41 -18.81 12.66
N VAL B 89 4.46 -17.86 12.72
CA VAL B 89 3.08 -18.11 12.34
C VAL B 89 2.82 -17.41 11.00
N TYR B 90 2.33 -18.17 10.02
CA TYR B 90 2.16 -17.67 8.67
C TYR B 90 0.68 -17.47 8.40
N PHE B 91 0.33 -16.28 7.87
CA PHE B 91 -1.03 -15.90 7.58
C PHE B 91 -1.15 -15.57 6.10
N CYS B 92 -2.18 -16.15 5.47
CA CYS B 92 -2.55 -15.93 4.10
C CYS B 92 -3.80 -15.05 4.09
N ALA B 93 -3.92 -14.20 3.07
CA ALA B 93 -5.15 -13.43 2.88
C ALA B 93 -5.49 -13.33 1.39
N SER B 94 -6.76 -13.05 1.10
CA SER B 94 -7.24 -12.83 -0.25
C SER B 94 -8.08 -11.55 -0.27
N GLY B 95 -8.29 -11.02 -1.49
CA GLY B 95 -9.15 -9.87 -1.67
C GLY B 95 -9.46 -9.61 -3.14
N ASP B 96 -10.51 -8.84 -3.38
CA ASP B 96 -10.81 -8.36 -4.71
C ASP B 96 -10.12 -7.00 -4.88
N GLU B 97 -10.69 -6.13 -5.72
CA GLU B 97 -10.12 -4.83 -6.03
C GLU B 97 -10.27 -3.88 -4.82
N GLY B 98 -11.21 -4.19 -3.92
CA GLY B 98 -11.42 -3.43 -2.68
C GLY B 98 -10.26 -3.61 -1.72
N TYR B 99 -10.20 -2.76 -0.68
CA TYR B 99 -9.03 -2.69 0.21
C TYR B 99 -9.03 -3.81 1.25
N THR B 100 -10.16 -4.50 1.44
CA THR B 100 -10.28 -5.51 2.50
C THR B 100 -9.45 -6.75 2.13
N GLN B 101 -8.57 -7.15 3.04
CA GLN B 101 -7.93 -8.45 2.97
C GLN B 101 -8.61 -9.36 4.00
N TYR B 102 -8.99 -10.57 3.56
CA TYR B 102 -9.65 -11.58 4.39
C TYR B 102 -8.61 -12.65 4.78
N PHE B 103 -8.32 -12.75 6.08
CA PHE B 103 -7.19 -13.55 6.56
C PHE B 103 -7.64 -14.99 6.82
N GLY B 104 -6.72 -15.92 6.54
CA GLY B 104 -6.85 -17.31 6.96
C GLY B 104 -6.57 -17.46 8.44
N PRO B 105 -6.72 -18.68 9.02
CA PRO B 105 -6.59 -18.89 10.46
C PRO B 105 -5.17 -19.03 10.98
N GLY B 106 -4.20 -19.09 10.06
CA GLY B 106 -2.78 -19.14 10.39
C GLY B 106 -2.24 -20.55 10.38
N THR B 107 -0.93 -20.66 10.13
CA THR B 107 -0.16 -21.89 10.11
C THR B 107 1.07 -21.70 11.00
N ARG B 108 1.24 -22.57 11.99
CA ARG B 108 2.40 -22.54 12.89
C ARG B 108 3.49 -23.43 12.31
N LEU B 109 4.69 -22.87 12.16
CA LEU B 109 5.85 -23.59 11.62
C LEU B 109 6.99 -23.50 12.64
N LEU B 110 7.53 -24.67 13.00
CA LEU B 110 8.74 -24.80 13.79
C LEU B 110 9.77 -25.53 12.94
N VAL B 111 10.95 -24.91 12.76
CA VAL B 111 12.07 -25.53 12.07
C VAL B 111 13.15 -25.85 13.11
N LEU B 112 13.38 -27.14 13.33
CA LEU B 112 14.41 -27.65 14.27
C LEU B 112 15.74 -27.86 13.55
N GLU B 113 16.81 -27.86 14.33
CA GLU B 113 18.15 -28.18 13.85
C GLU B 113 18.21 -29.66 13.47
N ASP B 114 17.49 -30.49 14.26
CA ASP B 114 17.62 -31.94 14.24
C ASP B 114 16.32 -32.58 14.72
N LEU B 115 15.99 -33.76 14.17
CA LEU B 115 14.76 -34.49 14.48
C LEU B 115 15.02 -35.62 15.48
N ARG B 116 16.24 -35.74 16.02
CA ARG B 116 16.65 -36.94 16.76
C ARG B 116 15.75 -37.16 17.99
N ASN B 117 15.25 -36.07 18.57
CA ASN B 117 14.58 -36.11 19.88
C ASN B 117 13.05 -36.08 19.76
N VAL B 118 12.51 -36.02 18.55
CA VAL B 118 11.07 -35.91 18.34
C VAL B 118 10.39 -37.16 18.91
N THR B 119 9.34 -36.95 19.73
CA THR B 119 8.68 -38.02 20.49
C THR B 119 7.20 -37.66 20.69
N PRO B 120 6.25 -38.58 20.39
CA PRO B 120 4.83 -38.29 20.60
C PRO B 120 4.50 -38.42 22.09
N PRO B 121 3.39 -37.81 22.56
CA PRO B 121 3.01 -37.89 23.97
C PRO B 121 2.42 -39.23 24.40
N LYS B 122 2.59 -39.56 25.70
CA LYS B 122 1.69 -40.43 26.43
C LYS B 122 0.52 -39.57 26.91
N VAL B 123 -0.70 -40.11 26.88
CA VAL B 123 -1.86 -39.38 27.33
C VAL B 123 -2.60 -40.23 28.37
N SER B 124 -2.88 -39.59 29.52
CA SER B 124 -3.64 -40.18 30.62
C SER B 124 -4.79 -39.25 31.00
N LEU B 125 -5.95 -39.85 31.29
CA LEU B 125 -7.15 -39.15 31.76
C LEU B 125 -7.37 -39.51 33.24
N PHE B 126 -7.48 -38.48 34.08
CA PHE B 126 -7.67 -38.63 35.51
C PHE B 126 -9.13 -38.31 35.85
N GLU B 127 -9.79 -39.26 36.50
CA GLU B 127 -11.22 -39.18 36.74
C GLU B 127 -11.49 -38.32 37.97
N PRO B 128 -12.70 -37.72 38.08
CA PRO B 128 -13.04 -36.83 39.20
C PRO B 128 -12.96 -37.53 40.57
N SER B 129 -12.63 -36.78 41.61
CA SER B 129 -12.64 -37.27 42.98
C SER B 129 -14.06 -37.18 43.54
N LYS B 130 -14.45 -38.20 44.30
CA LYS B 130 -15.76 -38.27 44.96
C LYS B 130 -15.85 -37.18 46.04
N ALA B 131 -14.72 -36.84 46.65
CA ALA B 131 -14.61 -35.70 47.57
C ALA B 131 -15.12 -34.42 46.89
N GLU B 132 -14.56 -34.10 45.71
CA GLU B 132 -14.93 -32.90 44.94
C GLU B 132 -16.43 -32.93 44.65
N ILE B 133 -16.92 -34.10 44.23
CA ILE B 133 -18.31 -34.30 43.83
C ILE B 133 -19.24 -33.94 44.98
N SER B 134 -18.96 -34.49 46.17
CA SER B 134 -19.83 -34.31 47.35
C SER B 134 -19.64 -32.92 47.99
N HIS B 135 -18.50 -32.27 47.72
CA HIS B 135 -18.21 -30.92 48.26
C HIS B 135 -18.78 -29.80 47.36
N THR B 136 -18.76 -29.99 46.03
CA THR B 136 -19.12 -28.90 45.08
C THR B 136 -20.32 -29.26 44.18
N GLN B 137 -20.67 -30.54 44.10
CA GLN B 137 -21.63 -31.05 43.10
C GLN B 137 -21.11 -30.78 41.67
N LYS B 138 -19.78 -30.79 41.53
CA LYS B 138 -19.11 -30.66 40.24
C LYS B 138 -17.99 -31.69 40.17
N ALA B 139 -17.66 -32.10 38.94
CA ALA B 139 -16.70 -33.15 38.67
C ALA B 139 -15.66 -32.60 37.69
N THR B 140 -14.39 -32.62 38.11
CA THR B 140 -13.28 -32.15 37.26
C THR B 140 -12.48 -33.36 36.77
N LEU B 141 -12.44 -33.51 35.44
CA LEU B 141 -11.53 -34.45 34.78
C LEU B 141 -10.21 -33.71 34.48
N VAL B 142 -9.10 -34.43 34.54
CA VAL B 142 -7.81 -33.86 34.19
C VAL B 142 -7.16 -34.77 33.15
N CYS B 143 -6.65 -34.14 32.09
CA CYS B 143 -5.91 -34.81 31.05
C CYS B 143 -4.44 -34.40 31.13
N LEU B 144 -3.55 -35.38 31.00
CA LEU B 144 -2.14 -35.19 31.11
C LEU B 144 -1.43 -35.79 29.89
N ALA B 145 -0.82 -34.92 29.08
CA ALA B 145 0.07 -35.30 28.00
C ALA B 145 1.51 -35.16 28.50
N THR B 146 2.33 -36.20 28.29
CA THR B 146 3.68 -36.24 28.84
C THR B 146 4.64 -36.88 27.83
N GLY B 147 5.91 -36.45 27.92
CA GLY B 147 7.04 -37.13 27.29
C GLY B 147 7.23 -36.77 25.83
N PHE B 148 6.71 -35.60 25.40
CA PHE B 148 6.65 -35.25 23.99
C PHE B 148 7.63 -34.11 23.65
N TYR B 149 8.11 -34.14 22.41
CA TYR B 149 8.98 -33.11 21.83
C TYR B 149 8.77 -33.08 20.32
N PRO B 150 8.74 -31.88 19.71
CA PRO B 150 8.72 -30.58 20.36
C PRO B 150 7.31 -30.26 20.91
N ASP B 151 7.00 -28.99 21.16
CA ASP B 151 5.85 -28.61 21.97
C ASP B 151 4.60 -28.31 21.12
N HIS B 152 4.55 -28.81 19.88
CA HIS B 152 3.46 -28.54 18.94
C HIS B 152 2.37 -29.61 19.08
N VAL B 153 1.42 -29.34 19.97
CA VAL B 153 0.30 -30.23 20.26
C VAL B 153 -0.98 -29.39 20.34
N GLU B 154 -2.10 -30.02 19.96
CA GLU B 154 -3.44 -29.48 20.12
C GLU B 154 -4.22 -30.47 21.00
N LEU B 155 -4.52 -30.06 22.23
CA LEU B 155 -5.31 -30.86 23.17
C LEU B 155 -6.77 -30.45 23.07
N SER B 156 -7.68 -31.42 22.92
CA SER B 156 -9.13 -31.15 22.86
C SER B 156 -9.92 -32.22 23.62
N TRP B 157 -11.15 -31.85 24.01
CA TRP B 157 -12.07 -32.66 24.81
C TRP B 157 -13.32 -33.01 23.99
N TRP B 158 -13.75 -34.28 24.12
CA TRP B 158 -14.83 -34.82 23.31
C TRP B 158 -15.79 -35.59 24.21
N VAL B 159 -17.06 -35.20 24.17
CA VAL B 159 -18.11 -35.92 24.83
C VAL B 159 -19.04 -36.49 23.76
N ASN B 160 -19.19 -37.81 23.75
CA ASN B 160 -20.07 -38.53 22.85
C ASN B 160 -19.76 -38.14 21.40
N GLY B 161 -18.47 -38.05 21.07
CA GLY B 161 -18.00 -37.84 19.71
C GLY B 161 -18.15 -36.41 19.24
N LYS B 162 -18.43 -35.48 20.15
CA LYS B 162 -18.57 -34.06 19.82
C LYS B 162 -17.68 -33.24 20.77
N GLU B 163 -16.97 -32.27 20.20
CA GLU B 163 -15.96 -31.51 20.89
C GLU B 163 -16.63 -30.51 21.84
N VAL B 164 -16.11 -30.39 23.06
CA VAL B 164 -16.64 -29.46 24.08
C VAL B 164 -15.59 -28.39 24.40
N HIS B 165 -16.07 -27.17 24.63
CA HIS B 165 -15.29 -26.00 24.97
C HIS B 165 -15.68 -25.47 26.35
N SER B 166 -16.99 -25.42 26.62
CA SER B 166 -17.52 -25.01 27.91
C SER B 166 -16.88 -25.85 29.02
N GLY B 167 -16.41 -25.16 30.07
CA GLY B 167 -15.87 -25.78 31.26
C GLY B 167 -14.47 -26.32 31.05
N VAL B 168 -13.77 -25.84 30.02
CA VAL B 168 -12.45 -26.34 29.68
C VAL B 168 -11.42 -25.22 29.91
N CYS B 169 -10.26 -25.59 30.45
CA CYS B 169 -9.09 -24.77 30.32
C CYS B 169 -7.84 -25.65 30.22
N THR B 170 -6.97 -25.27 29.29
CA THR B 170 -5.71 -25.94 29.02
C THR B 170 -4.57 -24.97 29.34
N ASP B 171 -3.48 -25.52 29.89
CA ASP B 171 -2.27 -24.75 30.20
C ASP B 171 -1.91 -23.94 28.95
N PRO B 172 -1.54 -22.65 29.08
CA PRO B 172 -1.21 -21.83 27.92
C PRO B 172 0.09 -22.27 27.23
N GLN B 173 1.01 -22.88 27.99
CA GLN B 173 2.27 -23.44 27.43
C GLN B 173 2.57 -24.76 28.12
N PRO B 174 3.12 -25.76 27.37
CA PRO B 174 3.72 -26.94 28.00
C PRO B 174 4.90 -26.58 28.91
N LEU B 175 5.06 -27.32 30.00
CA LEU B 175 6.20 -27.17 30.91
C LEU B 175 7.25 -28.24 30.61
N LYS B 176 8.52 -27.94 30.89
CA LYS B 176 9.67 -28.82 30.60
C LYS B 176 9.83 -29.85 31.72
N GLU B 177 10.03 -31.11 31.34
CA GLU B 177 10.11 -32.22 32.29
C GLU B 177 11.50 -32.26 32.93
N GLN B 178 12.53 -31.87 32.15
CA GLN B 178 13.92 -31.76 32.61
C GLN B 178 14.49 -30.42 32.15
N PRO B 179 14.20 -29.29 32.84
CA PRO B 179 14.74 -27.98 32.44
C PRO B 179 16.28 -27.86 32.34
N ALA B 180 17.01 -28.74 33.03
CA ALA B 180 18.48 -28.77 33.01
C ALA B 180 19.00 -29.26 31.65
N LEU B 181 18.29 -30.21 31.03
CA LEU B 181 18.73 -30.86 29.78
C LEU B 181 18.33 -30.01 28.56
N ASN B 182 19.01 -30.25 27.44
CA ASN B 182 19.00 -29.38 26.26
C ASN B 182 17.66 -29.51 25.52
N ASP B 183 17.35 -30.73 25.08
CA ASP B 183 16.14 -31.02 24.32
C ASP B 183 15.12 -31.70 25.25
N SER B 184 14.75 -30.98 26.31
CA SER B 184 13.84 -31.47 27.34
C SER B 184 12.49 -31.85 26.70
N ARG B 185 11.93 -32.97 27.15
CA ARG B 185 10.57 -33.34 26.78
C ARG B 185 9.59 -32.43 27.55
N TYR B 186 8.34 -32.44 27.11
CA TYR B 186 7.30 -31.55 27.59
C TYR B 186 6.13 -32.34 28.20
N SER B 187 5.41 -31.66 29.09
CA SER B 187 4.15 -32.12 29.65
C SER B 187 3.14 -30.99 29.54
N LEU B 188 1.86 -31.37 29.41
CA LEU B 188 0.77 -30.42 29.29
C LEU B 188 -0.46 -31.01 29.97
N SER B 189 -1.19 -30.16 30.70
CA SER B 189 -2.39 -30.58 31.40
C SER B 189 -3.60 -29.75 30.93
N SER B 190 -4.77 -30.33 31.10
CA SER B 190 -6.03 -29.67 30.78
C SER B 190 -7.08 -30.15 31.77
N ARG B 191 -8.07 -29.31 32.05
CA ARG B 191 -9.18 -29.69 32.91
C ARG B 191 -10.50 -29.52 32.14
N LEU B 192 -11.42 -30.45 32.36
CA LEU B 192 -12.81 -30.35 31.93
C LEU B 192 -13.68 -30.52 33.18
N ARG B 193 -14.48 -29.50 33.49
CA ARG B 193 -15.35 -29.50 34.65
C ARG B 193 -16.80 -29.57 34.19
N VAL B 194 -17.52 -30.57 34.72
CA VAL B 194 -18.92 -30.80 34.43
C VAL B 194 -19.67 -30.86 35.77
N SER B 195 -21.00 -30.79 35.71
CA SER B 195 -21.86 -31.06 36.85
C SER B 195 -21.76 -32.55 37.20
N ALA B 196 -21.89 -32.87 38.49
CA ALA B 196 -21.72 -34.24 38.99
C ALA B 196 -22.71 -35.20 38.30
N THR B 197 -23.94 -34.74 38.06
CA THR B 197 -24.97 -35.60 37.47
C THR B 197 -24.60 -35.94 36.02
N PHE B 198 -23.85 -35.06 35.35
CA PHE B 198 -23.35 -35.29 33.99
C PHE B 198 -22.27 -36.38 34.01
N TRP B 199 -21.32 -36.27 34.93
CA TRP B 199 -20.27 -37.25 35.11
C TRP B 199 -20.84 -38.58 35.62
N GLN B 200 -21.94 -38.51 36.38
CA GLN B 200 -22.54 -39.70 37.00
C GLN B 200 -23.33 -40.50 35.97
N ASN B 201 -23.68 -39.87 34.84
CA ASN B 201 -24.45 -40.50 33.76
C ASN B 201 -23.54 -41.48 33.00
N PRO B 202 -23.81 -42.81 33.03
CA PRO B 202 -22.95 -43.78 32.35
C PRO B 202 -23.12 -43.91 30.83
N ARG B 203 -23.94 -43.06 30.22
CA ARG B 203 -24.05 -43.00 28.77
C ARG B 203 -23.24 -41.82 28.21
N ASN B 204 -22.50 -41.12 29.08
CA ASN B 204 -21.57 -40.07 28.67
C ASN B 204 -20.15 -40.64 28.56
N HIS B 205 -19.60 -40.59 27.35
CA HIS B 205 -18.23 -41.03 27.06
C HIS B 205 -17.31 -39.81 26.93
N PHE B 206 -16.30 -39.72 27.81
CA PHE B 206 -15.36 -38.63 27.84
C PHE B 206 -14.05 -39.05 27.17
N ARG B 207 -13.50 -38.15 26.35
CA ARG B 207 -12.24 -38.42 25.69
C ARG B 207 -11.41 -37.13 25.62
N CYS B 208 -10.16 -37.25 26.07
CA CYS B 208 -9.12 -36.27 25.88
C CYS B 208 -8.25 -36.71 24.70
N GLN B 209 -8.12 -35.83 23.70
CA GLN B 209 -7.36 -36.11 22.47
C GLN B 209 -6.23 -35.08 22.33
N VAL B 210 -5.02 -35.58 22.02
CA VAL B 210 -3.88 -34.74 21.71
C VAL B 210 -3.44 -35.04 20.27
N GLN B 211 -3.60 -34.05 19.39
CA GLN B 211 -3.00 -34.06 18.06
C GLN B 211 -1.54 -33.62 18.21
N PHE B 212 -0.61 -34.52 17.86
CA PHE B 212 0.81 -34.26 17.96
C PHE B 212 1.36 -34.04 16.56
N TYR B 213 2.22 -33.02 16.40
CA TYR B 213 2.84 -32.71 15.14
C TYR B 213 4.31 -33.13 15.21
N GLY B 214 4.69 -34.02 14.29
CA GLY B 214 5.98 -34.66 14.25
C GLY B 214 6.43 -34.86 12.82
N LEU B 215 6.95 -36.04 12.52
CA LEU B 215 7.53 -36.34 11.21
C LEU B 215 6.41 -36.71 10.23
N SER B 216 6.69 -36.53 8.93
CA SER B 216 5.84 -36.99 7.86
C SER B 216 6.34 -38.36 7.36
N GLU B 217 5.63 -38.92 6.38
CA GLU B 217 5.98 -40.20 5.72
C GLU B 217 7.39 -40.14 5.11
N ASN B 218 7.72 -39.01 4.46
CA ASN B 218 8.93 -38.88 3.65
C ASN B 218 10.17 -38.69 4.54
N ASP B 219 10.00 -38.18 5.77
CA ASP B 219 11.14 -37.87 6.66
C ASP B 219 11.86 -39.17 7.01
N GLU B 220 13.19 -39.17 6.88
CA GLU B 220 14.03 -40.35 7.10
C GLU B 220 14.12 -40.61 8.60
N TRP B 221 14.27 -41.88 8.99
CA TRP B 221 14.34 -42.29 10.39
C TRP B 221 15.36 -43.42 10.57
N THR B 222 16.37 -43.18 11.42
CA THR B 222 17.54 -44.04 11.56
C THR B 222 17.61 -44.70 12.95
N GLN B 223 16.75 -44.28 13.89
CA GLN B 223 16.73 -44.83 15.26
C GLN B 223 15.82 -46.07 15.29
N ASP B 224 15.94 -46.84 16.38
CA ASP B 224 15.31 -48.15 16.54
C ASP B 224 13.87 -48.01 17.08
N ARG B 225 13.56 -46.92 17.78
CA ARG B 225 12.21 -46.68 18.30
C ARG B 225 11.27 -46.37 17.12
N ALA B 226 9.96 -46.48 17.37
CA ALA B 226 8.94 -46.15 16.37
C ALA B 226 9.19 -44.73 15.86
N LYS B 227 8.93 -44.54 14.56
CA LYS B 227 9.05 -43.27 13.92
C LYS B 227 8.02 -42.31 14.51
N PRO B 228 8.43 -41.18 15.12
CA PRO B 228 7.50 -40.27 15.80
C PRO B 228 6.75 -39.34 14.84
N VAL B 229 5.84 -39.93 14.06
CA VAL B 229 5.08 -39.24 13.02
C VAL B 229 3.97 -38.40 13.68
N THR B 230 3.48 -37.43 12.91
CA THR B 230 2.26 -36.70 13.24
C THR B 230 1.16 -37.73 13.51
N GLN B 231 0.50 -37.62 14.66
CA GLN B 231 -0.49 -38.61 15.10
C GLN B 231 -1.37 -38.05 16.23
N ILE B 232 -2.44 -38.81 16.51
CA ILE B 232 -3.35 -38.56 17.62
C ILE B 232 -3.09 -39.61 18.70
N VAL B 233 -3.00 -39.14 19.95
CA VAL B 233 -3.03 -40.01 21.11
C VAL B 233 -4.18 -39.52 22.00
N SER B 234 -4.97 -40.44 22.54
CA SER B 234 -6.11 -40.06 23.38
C SER B 234 -6.28 -41.02 24.56
N ALA B 235 -7.07 -40.57 25.53
CA ALA B 235 -7.48 -41.35 26.68
C ALA B 235 -8.95 -41.03 26.97
N GLU B 236 -9.67 -42.04 27.46
CA GLU B 236 -11.12 -41.99 27.57
C GLU B 236 -11.59 -42.69 28.83
N ALA B 237 -12.81 -42.33 29.25
CA ALA B 237 -13.52 -42.94 30.35
C ALA B 237 -15.01 -42.67 30.20
N TRP B 238 -15.83 -43.56 30.76
CA TRP B 238 -17.28 -43.41 30.80
C TRP B 238 -17.69 -42.85 32.17
N GLY B 239 -18.77 -42.07 32.18
CA GLY B 239 -19.43 -41.69 33.42
C GLY B 239 -19.91 -42.91 34.20
N ARG B 240 -20.23 -42.69 35.48
CA ARG B 240 -20.58 -43.75 36.45
C ARG B 240 -21.15 -43.10 37.73
N ALA B 241 -22.07 -43.81 38.39
CA ALA B 241 -22.74 -43.35 39.61
C ALA B 241 -21.73 -43.15 40.74
N LYS C 6 -12.98 36.43 -23.97
CA LYS C 6 -12.16 36.49 -22.72
C LYS C 6 -12.10 35.11 -22.05
N ASN C 7 -12.12 34.03 -22.86
CA ASN C 7 -12.13 32.64 -22.38
C ASN C 7 -10.68 32.13 -22.22
N TYR C 8 -10.32 31.73 -21.00
CA TYR C 8 -8.99 31.18 -20.72
C TYR C 8 -9.13 29.72 -20.29
N THR C 9 -8.24 28.86 -20.82
CA THR C 9 -8.15 27.48 -20.40
C THR C 9 -6.92 27.31 -19.50
N PHE C 10 -7.15 26.66 -18.35
CA PHE C 10 -6.17 26.32 -17.37
C PHE C 10 -5.79 24.85 -17.52
N ARG C 11 -4.50 24.58 -17.78
CA ARG C 11 -4.02 23.24 -18.08
C ARG C 11 -2.88 22.89 -17.12
N CYS C 12 -3.08 21.84 -16.32
CA CYS C 12 -2.02 21.19 -15.57
C CYS C 12 -1.57 19.96 -16.38
N LEU C 13 -0.31 19.97 -16.82
CA LEU C 13 0.20 18.93 -17.70
C LEU C 13 1.26 18.13 -16.95
N GLN C 14 0.99 16.83 -16.76
CA GLN C 14 1.90 15.90 -16.09
C GLN C 14 2.44 14.89 -17.11
N MET C 15 3.77 14.68 -17.08
CA MET C 15 4.49 13.68 -17.86
C MET C 15 5.20 12.75 -16.89
N SER C 16 5.00 11.44 -17.04
CA SER C 16 5.64 10.46 -16.18
C SER C 16 6.29 9.38 -17.03
N SER C 17 7.60 9.15 -16.79
CA SER C 17 8.36 8.08 -17.44
C SER C 17 8.69 6.99 -16.42
N PHE C 18 8.38 5.75 -16.77
CA PHE C 18 8.74 4.56 -16.02
C PHE C 18 9.62 3.68 -16.92
N ALA C 19 10.94 3.76 -16.71
CA ALA C 19 11.91 3.13 -17.61
C ALA C 19 11.89 1.61 -17.40
N ASN C 20 11.91 1.21 -16.12
CA ASN C 20 11.90 -0.17 -15.67
C ASN C 20 11.21 -0.19 -14.29
N ARG C 21 11.40 -1.27 -13.52
CA ARG C 21 10.71 -1.47 -12.23
C ARG C 21 11.10 -0.40 -11.19
N SER C 22 12.36 0.04 -11.21
N SER C 22 12.36 0.04 -11.21
CA SER C 22 12.93 0.92 -10.20
CA SER C 22 12.91 0.93 -10.19
C SER C 22 12.80 2.40 -10.61
C SER C 22 12.80 2.40 -10.61
N TRP C 23 13.32 2.73 -11.80
CA TRP C 23 13.48 4.11 -12.27
C TRP C 23 12.15 4.71 -12.78
N SER C 24 11.81 5.90 -12.29
CA SER C 24 10.73 6.69 -12.85
C SER C 24 10.94 8.18 -12.54
N ARG C 25 10.32 9.04 -13.35
CA ARG C 25 10.30 10.45 -13.02
C ARG C 25 8.97 11.04 -13.49
N THR C 26 8.49 12.02 -12.73
CA THR C 26 7.27 12.76 -12.99
C THR C 26 7.59 14.26 -12.94
N ASP C 27 7.25 14.96 -14.03
CA ASP C 27 7.44 16.40 -14.16
C ASP C 27 6.12 17.03 -14.60
N SER C 28 5.81 18.23 -14.09
CA SER C 28 4.57 18.95 -14.44
C SER C 28 4.83 20.41 -14.82
N VAL C 29 3.94 20.95 -15.65
CA VAL C 29 3.91 22.37 -15.98
C VAL C 29 2.44 22.82 -16.00
N VAL C 30 2.20 24.09 -15.67
CA VAL C 30 0.84 24.61 -15.58
C VAL C 30 0.72 25.85 -16.46
N TRP C 31 -0.31 25.87 -17.31
CA TRP C 31 -0.56 26.93 -18.27
C TRP C 31 -1.92 27.57 -17.97
N LEU C 32 -1.96 28.91 -18.01
CA LEU C 32 -3.18 29.67 -18.07
C LEU C 32 -3.19 30.42 -19.40
N GLY C 33 -4.03 29.96 -20.33
CA GLY C 33 -3.90 30.34 -21.73
C GLY C 33 -2.57 29.84 -22.24
N ASP C 34 -1.71 30.77 -22.69
CA ASP C 34 -0.39 30.44 -23.22
C ASP C 34 0.74 30.94 -22.29
N LEU C 35 0.42 31.30 -21.03
CA LEU C 35 1.43 31.71 -20.05
C LEU C 35 1.63 30.63 -18.97
N GLN C 36 2.90 30.32 -18.68
CA GLN C 36 3.24 29.29 -17.69
C GLN C 36 3.13 29.91 -16.29
N THR C 37 2.38 29.24 -15.41
CA THR C 37 2.13 29.72 -14.05
C THR C 37 2.88 28.86 -13.02
N HIS C 38 3.08 27.58 -13.30
CA HIS C 38 3.76 26.71 -12.35
C HIS C 38 4.70 25.74 -13.08
N ARG C 39 5.65 25.20 -12.32
CA ARG C 39 6.55 24.17 -12.76
C ARG C 39 6.73 23.26 -11.54
N TRP C 40 6.69 21.95 -11.77
CA TRP C 40 6.98 21.01 -10.71
C TRP C 40 7.90 19.91 -11.25
N SER C 41 9.20 20.17 -11.12
CA SER C 41 10.24 19.24 -11.48
C SER C 41 10.20 18.01 -10.55
N ASN C 42 10.73 16.88 -11.05
CA ASN C 42 10.84 15.64 -10.27
C ASN C 42 11.77 15.84 -9.06
N ASP C 43 12.81 16.68 -9.23
CA ASP C 43 13.89 16.88 -8.23
C ASP C 43 13.40 17.76 -7.07
N SER C 44 12.31 18.50 -7.28
CA SER C 44 11.78 19.45 -6.29
C SER C 44 10.68 18.80 -5.46
N ALA C 45 10.75 19.00 -4.13
CA ALA C 45 9.72 18.55 -3.19
C ALA C 45 8.47 19.45 -3.29
N THR C 46 8.65 20.69 -3.75
CA THR C 46 7.60 21.70 -3.79
C THR C 46 7.34 22.15 -5.23
N ILE C 47 6.15 22.73 -5.44
CA ILE C 47 5.72 23.28 -6.70
C ILE C 47 6.29 24.71 -6.79
N SER C 48 6.82 25.07 -7.96
CA SER C 48 7.42 26.39 -8.18
C SER C 48 6.43 27.32 -8.92
N PHE C 49 6.30 28.53 -8.39
CA PHE C 49 5.66 29.63 -9.08
C PHE C 49 6.60 30.16 -10.16
N THR C 50 6.09 30.41 -11.36
CA THR C 50 6.86 30.99 -12.46
C THR C 50 6.36 32.42 -12.75
N LYS C 51 5.35 32.86 -11.99
CA LYS C 51 4.83 34.21 -12.03
C LYS C 51 4.66 34.71 -10.61
N PRO C 52 4.70 36.03 -10.37
CA PRO C 52 4.46 36.57 -9.02
C PRO C 52 3.05 36.25 -8.50
N TRP C 53 2.08 36.08 -9.41
CA TRP C 53 0.67 35.93 -9.08
C TRP C 53 0.22 34.46 -9.12
N SER C 54 1.16 33.52 -9.12
CA SER C 54 0.86 32.09 -9.37
C SER C 54 0.07 31.44 -8.21
N GLN C 55 0.11 32.05 -7.03
CA GLN C 55 -0.65 31.56 -5.87
C GLN C 55 -2.12 31.98 -5.99
N GLY C 56 -2.42 32.88 -6.93
CA GLY C 56 -3.76 33.39 -7.14
C GLY C 56 -4.21 34.19 -5.94
N LYS C 57 -5.42 33.87 -5.43
CA LYS C 57 -6.01 34.53 -4.27
C LYS C 57 -6.10 33.54 -3.10
N LEU C 58 -5.34 32.45 -3.15
CA LEU C 58 -5.25 31.51 -2.04
C LEU C 58 -4.33 32.10 -0.95
N SER C 59 -4.77 32.02 0.30
CA SER C 59 -3.92 32.26 1.47
C SER C 59 -2.77 31.24 1.50
N ASN C 60 -1.70 31.59 2.21
CA ASN C 60 -0.51 30.74 2.32
C ASN C 60 -0.90 29.37 2.90
N GLN C 61 -1.90 29.35 3.79
CA GLN C 61 -2.35 28.11 4.46
C GLN C 61 -3.15 27.24 3.47
N GLN C 62 -3.97 27.88 2.63
CA GLN C 62 -4.77 27.17 1.62
C GLN C 62 -3.83 26.55 0.58
N TRP C 63 -2.79 27.29 0.19
CA TRP C 63 -1.82 26.84 -0.79
C TRP C 63 -1.05 25.63 -0.25
N GLU C 64 -0.53 25.75 0.98
CA GLU C 64 0.24 24.68 1.64
C GLU C 64 -0.57 23.37 1.64
N LYS C 65 -1.85 23.49 1.98
CA LYS C 65 -2.76 22.36 2.08
C LYS C 65 -2.96 21.72 0.70
N LEU C 66 -3.03 22.55 -0.34
CA LEU C 66 -3.26 22.11 -1.70
C LEU C 66 -1.99 21.42 -2.21
N GLN C 67 -0.83 22.05 -1.97
CA GLN C 67 0.46 21.51 -2.35
C GLN C 67 0.67 20.16 -1.66
N HIS C 68 0.32 20.07 -0.38
CA HIS C 68 0.47 18.83 0.40
C HIS C 68 -0.31 17.69 -0.26
N MET C 69 -1.55 17.96 -0.67
CA MET C 69 -2.39 17.01 -1.37
C MET C 69 -1.66 16.48 -2.63
N PHE C 70 -1.01 17.38 -3.37
CA PHE C 70 -0.28 17.02 -4.59
C PHE C 70 0.98 16.22 -4.26
N GLN C 71 1.68 16.58 -3.18
CA GLN C 71 2.92 15.90 -2.77
C GLN C 71 2.61 14.43 -2.47
N VAL C 72 1.50 14.18 -1.77
CA VAL C 72 1.02 12.84 -1.48
C VAL C 72 0.63 12.12 -2.79
N TYR C 73 -0.03 12.86 -3.69
CA TYR C 73 -0.46 12.34 -4.98
C TYR C 73 0.72 11.80 -5.78
N ARG C 74 1.81 12.57 -5.87
CA ARG C 74 2.90 12.25 -6.76
C ARG C 74 3.54 10.91 -6.35
N VAL C 75 3.80 10.76 -5.04
CA VAL C 75 4.37 9.54 -4.46
C VAL C 75 3.42 8.36 -4.69
N SER C 76 2.12 8.62 -4.49
CA SER C 76 1.09 7.58 -4.51
C SER C 76 0.82 7.13 -5.95
N PHE C 77 0.71 8.10 -6.86
CA PHE C 77 0.59 7.85 -8.29
C PHE C 77 1.73 6.95 -8.77
N THR C 78 2.96 7.26 -8.34
CA THR C 78 4.16 6.55 -8.78
C THR C 78 4.06 5.08 -8.37
N ARG C 79 3.63 4.82 -7.12
CA ARG C 79 3.55 3.45 -6.61
C ARG C 79 2.37 2.73 -7.27
N ASP C 80 1.27 3.44 -7.50
CA ASP C 80 0.06 2.85 -8.10
C ASP C 80 0.37 2.33 -9.53
N ILE C 81 1.01 3.15 -10.36
CA ILE C 81 1.34 2.73 -11.71
C ILE C 81 2.20 1.46 -11.65
N GLN C 82 3.22 1.46 -10.78
CA GLN C 82 4.13 0.33 -10.63
C GLN C 82 3.32 -0.92 -10.26
N GLU C 83 2.36 -0.77 -9.35
CA GLU C 83 1.55 -1.90 -8.90
C GLU C 83 0.58 -2.33 -10.01
N LEU C 84 0.05 -1.37 -10.77
CA LEU C 84 -0.85 -1.71 -11.89
C LEU C 84 -0.09 -2.52 -12.96
N VAL C 85 1.17 -2.16 -13.20
CA VAL C 85 2.00 -2.86 -14.17
C VAL C 85 2.17 -4.32 -13.73
N LYS C 86 2.48 -4.54 -12.45
CA LYS C 86 2.59 -5.88 -11.88
C LYS C 86 1.28 -6.68 -12.05
N MET C 87 0.15 -5.98 -11.91
CA MET C 87 -1.18 -6.57 -11.96
C MET C 87 -1.53 -7.06 -13.38
N MET C 88 -1.05 -6.35 -14.41
CA MET C 88 -1.40 -6.65 -15.80
C MET C 88 -0.35 -7.56 -16.46
N SER C 89 0.83 -7.66 -15.83
CA SER C 89 1.97 -8.47 -16.32
C SER C 89 1.51 -9.86 -16.79
N PRO C 90 2.03 -10.34 -17.93
CA PRO C 90 3.03 -9.68 -18.76
C PRO C 90 2.45 -8.91 -19.97
N LYS C 91 1.14 -8.65 -19.95
CA LYS C 91 0.39 -7.91 -20.98
C LYS C 91 1.13 -6.62 -21.35
N GLU C 92 1.39 -5.77 -20.35
CA GLU C 92 2.05 -4.48 -20.54
C GLU C 92 3.36 -4.48 -19.74
N ASP C 93 4.38 -3.82 -20.29
CA ASP C 93 5.70 -3.79 -19.70
C ASP C 93 6.39 -2.45 -19.99
N TYR C 94 7.40 -2.14 -19.18
CA TYR C 94 8.21 -0.95 -19.31
C TYR C 94 9.01 -1.03 -20.61
N PRO C 95 9.42 0.12 -21.17
CA PRO C 95 9.15 1.46 -20.65
C PRO C 95 7.70 1.92 -20.86
N ILE C 96 7.25 2.84 -20.02
CA ILE C 96 5.89 3.35 -20.03
C ILE C 96 5.92 4.87 -19.85
N GLU C 97 5.13 5.57 -20.68
CA GLU C 97 4.87 6.98 -20.52
C GLU C 97 3.40 7.19 -20.19
N ILE C 98 3.14 8.02 -19.16
CA ILE C 98 1.79 8.40 -18.79
C ILE C 98 1.74 9.92 -18.74
N GLN C 99 0.70 10.49 -19.37
CA GLN C 99 0.48 11.92 -19.40
C GLN C 99 -0.91 12.23 -18.83
N LEU C 100 -0.99 13.28 -18.01
CA LEU C 100 -2.27 13.80 -17.56
C LEU C 100 -2.42 15.22 -18.09
N SER C 101 -3.63 15.53 -18.56
CA SER C 101 -4.04 16.88 -18.86
C SER C 101 -5.29 17.17 -18.03
N ALA C 102 -5.17 18.10 -17.08
CA ALA C 102 -6.20 18.39 -16.09
C ALA C 102 -6.36 19.91 -15.92
N GLY C 103 -7.60 20.34 -15.74
CA GLY C 103 -7.88 21.71 -15.37
C GLY C 103 -9.31 22.08 -15.69
N CYS C 104 -9.51 23.35 -16.05
CA CYS C 104 -10.83 23.87 -16.33
C CYS C 104 -10.73 25.00 -17.36
N GLU C 105 -11.80 25.14 -18.14
CA GLU C 105 -12.00 26.19 -19.13
C GLU C 105 -13.03 27.17 -18.56
N MET C 106 -12.64 28.45 -18.44
CA MET C 106 -13.48 29.46 -17.79
C MET C 106 -14.29 30.21 -18.86
N TYR C 107 -15.61 30.26 -18.64
CA TYR C 107 -16.56 30.99 -19.47
C TYR C 107 -17.08 32.20 -18.68
N PRO C 108 -17.75 33.19 -19.31
CA PRO C 108 -18.24 34.35 -18.59
C PRO C 108 -19.36 34.01 -17.59
N GLY C 109 -19.29 34.62 -16.40
CA GLY C 109 -20.36 34.57 -15.41
C GLY C 109 -20.49 33.22 -14.73
N ASN C 110 -19.43 32.82 -14.02
CA ASN C 110 -19.42 31.68 -13.07
C ASN C 110 -19.69 30.34 -13.78
N ALA C 111 -19.48 30.28 -15.11
CA ALA C 111 -19.59 29.04 -15.88
C ALA C 111 -18.19 28.49 -16.15
N SER C 112 -18.04 27.16 -16.06
CA SER C 112 -16.79 26.48 -16.37
C SER C 112 -17.03 24.99 -16.63
N GLU C 113 -16.16 24.40 -17.44
CA GLU C 113 -16.04 22.95 -17.59
C GLU C 113 -14.65 22.51 -17.09
N SER C 114 -14.63 21.44 -16.30
CA SER C 114 -13.39 20.81 -15.86
C SER C 114 -13.17 19.52 -16.65
N PHE C 115 -11.91 19.09 -16.74
CA PHE C 115 -11.53 17.89 -17.46
C PHE C 115 -10.33 17.25 -16.77
N LEU C 116 -10.18 15.94 -16.96
CA LEU C 116 -9.02 15.20 -16.52
C LEU C 116 -8.83 14.03 -17.48
N HIS C 117 -7.89 14.21 -18.41
CA HIS C 117 -7.63 13.26 -19.50
C HIS C 117 -6.28 12.59 -19.26
N VAL C 118 -6.24 11.28 -19.48
CA VAL C 118 -5.06 10.46 -19.21
C VAL C 118 -4.63 9.76 -20.51
N ALA C 119 -3.33 9.87 -20.84
CA ALA C 119 -2.77 9.22 -22.03
C ALA C 119 -1.74 8.18 -21.60
N PHE C 120 -1.83 7.00 -22.22
CA PHE C 120 -0.92 5.88 -21.99
C PHE C 120 -0.16 5.63 -23.30
N GLN C 121 1.18 5.71 -23.23
CA GLN C 121 2.04 5.57 -24.41
C GLN C 121 1.56 6.51 -25.54
N GLY C 122 1.13 7.72 -25.18
CA GLY C 122 0.84 8.79 -26.14
C GLY C 122 -0.58 8.76 -26.70
N LYS C 123 -1.42 7.84 -26.22
CA LYS C 123 -2.78 7.73 -26.70
C LYS C 123 -3.74 7.98 -25.52
N TYR C 124 -4.68 8.90 -25.75
CA TYR C 124 -5.72 9.24 -24.79
C TYR C 124 -6.63 8.02 -24.58
N VAL C 125 -6.64 7.47 -23.35
CA VAL C 125 -7.37 6.20 -23.05
C VAL C 125 -8.36 6.35 -21.89
N VAL C 126 -8.08 7.24 -20.93
CA VAL C 126 -8.87 7.34 -19.69
C VAL C 126 -9.19 8.81 -19.39
N ARG C 127 -10.39 9.05 -18.87
CA ARG C 127 -10.72 10.31 -18.25
C ARG C 127 -11.45 10.05 -16.93
N PHE C 128 -11.46 11.09 -16.09
CA PHE C 128 -12.38 11.18 -14.97
C PHE C 128 -13.64 11.90 -15.47
N TRP C 129 -14.80 11.28 -15.23
CA TRP C 129 -16.07 11.80 -15.71
C TRP C 129 -17.15 11.56 -14.66
N GLY C 130 -17.73 12.65 -14.18
CA GLY C 130 -18.78 12.60 -13.19
C GLY C 130 -18.22 12.26 -11.83
N THR C 131 -18.29 10.97 -11.48
CA THR C 131 -17.88 10.50 -10.17
C THR C 131 -16.94 9.30 -10.30
N SER C 132 -16.40 9.04 -11.50
CA SER C 132 -15.60 7.83 -11.68
C SER C 132 -14.61 7.96 -12.85
N TRP C 133 -13.67 7.02 -12.89
CA TRP C 133 -12.78 6.82 -14.02
C TRP C 133 -13.52 6.00 -15.08
N GLN C 134 -13.33 6.36 -16.36
CA GLN C 134 -13.87 5.60 -17.46
C GLN C 134 -12.87 5.61 -18.64
N THR C 135 -12.87 4.53 -19.41
CA THR C 135 -12.14 4.47 -20.66
C THR C 135 -12.94 5.23 -21.73
N VAL C 136 -12.23 5.71 -22.74
CA VAL C 136 -12.82 6.45 -23.84
C VAL C 136 -12.83 5.54 -25.07
N PRO C 137 -13.61 5.88 -26.12
CA PRO C 137 -13.65 5.05 -27.33
C PRO C 137 -12.27 4.88 -27.95
N GLY C 138 -11.94 3.63 -28.31
CA GLY C 138 -10.64 3.27 -28.91
C GLY C 138 -9.71 2.61 -27.93
N ALA C 139 -10.04 2.65 -26.64
CA ALA C 139 -9.14 2.24 -25.58
C ALA C 139 -9.10 0.71 -25.54
N PRO C 140 -7.93 0.10 -25.27
CA PRO C 140 -7.83 -1.36 -25.22
C PRO C 140 -8.55 -1.90 -23.98
N SER C 141 -9.04 -3.14 -24.10
CA SER C 141 -9.96 -3.73 -23.13
C SER C 141 -9.28 -4.04 -21.79
N TRP C 142 -7.94 -4.19 -21.79
CA TRP C 142 -7.19 -4.63 -20.61
C TRP C 142 -7.24 -3.56 -19.50
N LEU C 143 -7.44 -2.29 -19.91
CA LEU C 143 -7.62 -1.16 -19.01
C LEU C 143 -8.87 -1.32 -18.12
N ASP C 144 -9.79 -2.22 -18.47
CA ASP C 144 -11.00 -2.44 -17.66
C ASP C 144 -10.63 -2.85 -16.23
N LEU C 145 -9.55 -3.61 -16.03
CA LEU C 145 -9.18 -4.07 -14.67
C LEU C 145 -8.59 -2.91 -13.86
N PRO C 146 -7.57 -2.17 -14.34
CA PRO C 146 -7.12 -0.93 -13.69
C PRO C 146 -8.25 0.06 -13.36
N ILE C 147 -9.21 0.23 -14.26
CA ILE C 147 -10.34 1.14 -14.05
C ILE C 147 -11.19 0.63 -12.87
N LYS C 148 -11.42 -0.69 -12.84
CA LYS C 148 -12.18 -1.32 -11.78
C LYS C 148 -11.48 -1.09 -10.43
N VAL C 149 -10.15 -1.15 -10.42
CA VAL C 149 -9.37 -1.00 -9.21
C VAL C 149 -9.36 0.47 -8.76
N LEU C 150 -9.17 1.38 -9.71
CA LEU C 150 -9.15 2.83 -9.42
C LEU C 150 -10.52 3.29 -8.93
N ASN C 151 -11.60 2.72 -9.47
CA ASN C 151 -12.97 3.11 -9.11
C ASN C 151 -13.34 2.52 -7.74
N ALA C 152 -12.58 1.56 -7.23
CA ALA C 152 -12.79 1.00 -5.88
C ALA C 152 -12.42 2.02 -4.80
N ASP C 153 -11.51 2.95 -5.11
CA ASP C 153 -10.99 3.97 -4.17
C ASP C 153 -11.96 5.16 -4.10
N GLN C 154 -12.95 5.06 -3.21
CA GLN C 154 -13.97 6.09 -2.98
C GLN C 154 -13.31 7.42 -2.58
N GLY C 155 -12.24 7.33 -1.78
CA GLY C 155 -11.55 8.49 -1.22
C GLY C 155 -10.86 9.35 -2.27
N THR C 156 -10.25 8.71 -3.28
CA THR C 156 -9.67 9.41 -4.41
C THR C 156 -10.79 10.06 -5.24
N SER C 157 -11.87 9.30 -5.47
CA SER C 157 -13.02 9.78 -6.23
C SER C 157 -13.58 11.07 -5.62
N ALA C 158 -13.83 11.06 -4.31
CA ALA C 158 -14.39 12.23 -3.61
C ALA C 158 -13.44 13.42 -3.78
N THR C 159 -12.14 13.17 -3.62
CA THR C 159 -11.11 14.21 -3.65
C THR C 159 -11.02 14.81 -5.06
N VAL C 160 -11.01 13.94 -6.09
CA VAL C 160 -10.88 14.41 -7.47
C VAL C 160 -12.13 15.23 -7.85
N GLN C 161 -13.32 14.74 -7.46
CA GLN C 161 -14.56 15.45 -7.72
C GLN C 161 -14.45 16.89 -7.21
N MET C 162 -13.94 17.03 -5.98
CA MET C 162 -13.83 18.34 -5.32
C MET C 162 -12.78 19.22 -6.03
N LEU C 163 -11.68 18.61 -6.48
CA LEU C 163 -10.61 19.33 -7.18
CA LEU C 163 -10.60 19.30 -7.18
C LEU C 163 -11.13 19.87 -8.51
N LEU C 164 -11.89 19.06 -9.25
CA LEU C 164 -12.39 19.40 -10.57
C LEU C 164 -13.57 20.37 -10.46
N ASN C 165 -14.56 20.04 -9.63
CA ASN C 165 -15.81 20.79 -9.54
C ASN C 165 -15.62 22.15 -8.84
N ASP C 166 -14.84 22.15 -7.75
CA ASP C 166 -14.80 23.29 -6.81
C ASP C 166 -13.44 24.01 -6.87
N THR C 167 -12.34 23.30 -6.58
CA THR C 167 -11.04 23.92 -6.40
C THR C 167 -10.58 24.61 -7.69
N CYS C 168 -10.65 23.90 -8.83
CA CYS C 168 -10.09 24.40 -10.11
C CYS C 168 -10.77 25.71 -10.49
N PRO C 169 -12.11 25.79 -10.62
CA PRO C 169 -12.77 27.03 -11.00
C PRO C 169 -12.45 28.21 -10.06
N LEU C 170 -12.48 27.98 -8.75
CA LEU C 170 -12.20 29.02 -7.75
CA LEU C 170 -12.22 29.04 -7.80
C LEU C 170 -10.77 29.54 -7.94
N PHE C 171 -9.82 28.61 -7.94
CA PHE C 171 -8.40 28.94 -8.04
C PHE C 171 -8.14 29.78 -9.28
N VAL C 172 -8.70 29.35 -10.41
CA VAL C 172 -8.46 29.99 -11.70
C VAL C 172 -9.10 31.39 -11.71
N ARG C 173 -10.30 31.52 -11.13
CA ARG C 173 -10.96 32.82 -11.00
C ARG C 173 -10.02 33.80 -10.31
N GLY C 174 -9.36 33.35 -9.25
CA GLY C 174 -8.38 34.15 -8.52
C GLY C 174 -7.14 34.45 -9.35
N LEU C 175 -6.70 33.48 -10.17
CA LEU C 175 -5.53 33.66 -11.02
C LEU C 175 -5.76 34.82 -11.99
N LEU C 176 -6.97 34.87 -12.56
CA LEU C 176 -7.33 35.84 -13.58
C LEU C 176 -7.32 37.24 -12.99
N GLU C 177 -7.79 37.39 -11.74
CA GLU C 177 -7.73 38.65 -11.03
C GLU C 177 -6.26 39.05 -10.83
N ALA C 178 -5.50 38.18 -10.18
CA ALA C 178 -4.14 38.50 -9.71
C ALA C 178 -3.18 38.72 -10.89
N GLY C 179 -3.41 38.05 -12.02
CA GLY C 179 -2.51 38.08 -13.16
C GLY C 179 -3.05 38.89 -14.33
N LYS C 180 -4.09 39.71 -14.08
CA LYS C 180 -4.79 40.49 -15.10
C LYS C 180 -3.80 41.24 -16.01
N SER C 181 -2.85 41.96 -15.41
CA SER C 181 -1.98 42.87 -16.14
C SER C 181 -0.98 42.10 -17.02
N ASP C 182 -0.61 40.88 -16.63
CA ASP C 182 0.25 40.02 -17.46
C ASP C 182 -0.56 39.40 -18.61
N LEU C 183 -1.81 39.03 -18.33
CA LEU C 183 -2.66 38.35 -19.29
C LEU C 183 -3.11 39.34 -20.39
N GLU C 184 -3.25 40.61 -20.02
CA GLU C 184 -3.76 41.65 -20.92
C GLU C 184 -2.60 42.47 -21.51
N LYS C 185 -1.35 42.02 -21.32
CA LYS C 185 -0.18 42.73 -21.86
C LYS C 185 -0.27 42.76 -23.39
N GLN C 186 0.20 43.87 -23.97
CA GLN C 186 0.36 44.05 -25.41
C GLN C 186 1.84 44.29 -25.72
N GLU C 187 2.43 43.43 -26.56
CA GLU C 187 3.85 43.52 -26.99
C GLU C 187 3.89 43.67 -28.52
N LYS C 188 4.67 44.64 -29.01
CA LYS C 188 4.62 45.04 -30.41
C LYS C 188 5.41 44.08 -31.29
N PRO C 189 4.85 43.64 -32.44
CA PRO C 189 5.63 42.87 -33.42
C PRO C 189 6.67 43.77 -34.10
N VAL C 190 7.83 43.18 -34.42
CA VAL C 190 8.83 43.79 -35.29
C VAL C 190 9.00 42.85 -36.48
N ALA C 191 8.98 43.42 -37.68
CA ALA C 191 9.04 42.64 -38.91
C ALA C 191 10.40 42.84 -39.57
N TRP C 192 10.78 41.89 -40.43
CA TRP C 192 11.90 42.05 -41.35
C TRP C 192 11.76 41.08 -42.52
N LEU C 193 12.39 41.42 -43.64
CA LEU C 193 12.22 40.68 -44.90
C LEU C 193 13.52 39.96 -45.25
N SER C 194 13.39 38.88 -46.03
CA SER C 194 14.50 38.05 -46.50
C SER C 194 14.00 37.12 -47.62
N SER C 195 14.94 36.46 -48.31
CA SER C 195 14.65 35.71 -49.54
C SER C 195 15.59 34.51 -49.66
N VAL C 196 15.09 33.43 -50.29
CA VAL C 196 15.84 32.20 -50.50
C VAL C 196 15.46 31.59 -51.85
N PRO C 197 16.28 30.66 -52.40
CA PRO C 197 15.85 29.81 -53.52
C PRO C 197 15.02 28.61 -53.02
N SER C 198 13.86 28.38 -53.64
CA SER C 198 12.89 27.39 -53.17
C SER C 198 12.73 26.26 -54.19
N SER C 199 13.73 25.36 -54.23
CA SER C 199 13.75 24.14 -55.07
C SER C 199 12.79 24.27 -56.26
N ALA C 200 13.12 25.19 -57.16
CA ALA C 200 12.35 25.45 -58.38
C ALA C 200 13.28 25.98 -59.48
N HIS C 201 12.74 26.11 -60.70
CA HIS C 201 13.50 26.45 -61.90
C HIS C 201 14.16 27.83 -61.75
N GLY C 202 13.34 28.86 -61.56
CA GLY C 202 13.80 30.24 -61.40
C GLY C 202 12.88 31.05 -60.49
N HIS C 203 12.39 30.40 -59.42
CA HIS C 203 11.48 30.99 -58.43
C HIS C 203 12.26 31.37 -57.17
N ARG C 204 11.90 32.51 -56.57
CA ARG C 204 12.38 32.90 -55.24
C ARG C 204 11.21 32.83 -54.24
N GLN C 205 11.54 32.54 -52.98
CA GLN C 205 10.60 32.58 -51.86
C GLN C 205 10.99 33.76 -50.96
N LEU C 206 10.08 34.72 -50.83
CA LEU C 206 10.24 35.85 -49.89
C LEU C 206 9.67 35.41 -48.54
N VAL C 207 10.23 35.97 -47.45
CA VAL C 207 9.88 35.61 -46.09
C VAL C 207 9.68 36.91 -45.31
N CYS C 208 8.48 37.08 -44.76
CA CYS C 208 8.19 38.16 -43.82
C CYS C 208 8.24 37.62 -42.39
N HIS C 209 9.27 38.04 -41.63
CA HIS C 209 9.48 37.61 -40.25
C HIS C 209 8.75 38.59 -39.32
N VAL C 210 7.93 38.07 -38.40
CA VAL C 210 7.25 38.87 -37.39
C VAL C 210 7.56 38.27 -36.01
N SER C 211 8.07 39.09 -35.09
CA SER C 211 8.60 38.60 -33.84
C SER C 211 8.40 39.61 -32.71
N GLY C 212 8.02 39.10 -31.53
CA GLY C 212 7.94 39.87 -30.29
C GLY C 212 6.53 40.29 -29.93
N PHE C 213 5.51 39.71 -30.58
CA PHE C 213 4.13 40.15 -30.40
C PHE C 213 3.41 39.26 -29.37
N TYR C 214 2.54 39.92 -28.60
CA TYR C 214 1.64 39.29 -27.68
C TYR C 214 0.44 40.22 -27.54
N PRO C 215 -0.78 39.66 -27.58
CA PRO C 215 -1.07 38.23 -27.59
C PRO C 215 -0.99 37.61 -28.99
N LYS C 216 -1.34 36.33 -29.08
CA LYS C 216 -1.09 35.48 -30.25
C LYS C 216 -1.84 35.96 -31.49
N PRO C 217 -3.13 36.39 -31.43
CA PRO C 217 -3.87 36.75 -32.65
C PRO C 217 -3.14 37.83 -33.46
N VAL C 218 -2.96 37.59 -34.77
CA VAL C 218 -2.16 38.46 -35.65
C VAL C 218 -2.58 38.22 -37.11
N TRP C 219 -2.28 39.20 -37.99
CA TRP C 219 -2.57 39.15 -39.43
C TRP C 219 -1.32 39.54 -40.23
N VAL C 220 -0.86 38.66 -41.12
CA VAL C 220 0.32 38.89 -41.94
C VAL C 220 0.04 38.46 -43.38
N MET C 221 0.07 39.43 -44.31
CA MET C 221 -0.16 39.16 -45.74
C MET C 221 0.84 39.94 -46.60
N TRP C 222 1.32 39.27 -47.66
CA TRP C 222 2.08 39.91 -48.73
C TRP C 222 1.11 40.67 -49.64
N MET C 223 1.56 41.82 -50.14
CA MET C 223 0.71 42.75 -50.88
C MET C 223 1.51 43.47 -51.96
N ARG C 224 0.94 43.49 -53.18
CA ARG C 224 1.34 44.41 -54.25
C ARG C 224 0.34 45.57 -54.23
N GLY C 225 0.76 46.69 -53.61
CA GLY C 225 -0.08 47.86 -53.43
C GLY C 225 -1.20 47.61 -52.43
N ASP C 226 -2.38 47.24 -52.94
CA ASP C 226 -3.59 47.00 -52.15
C ASP C 226 -4.22 45.64 -52.52
N GLN C 227 -3.42 44.76 -53.13
CA GLN C 227 -3.87 43.45 -53.62
C GLN C 227 -3.22 42.34 -52.80
N GLU C 228 -4.01 41.72 -51.92
CA GLU C 228 -3.56 40.63 -51.05
C GLU C 228 -3.06 39.46 -51.92
N GLN C 229 -1.78 39.13 -51.81
CA GLN C 229 -1.20 38.01 -52.53
C GLN C 229 -1.72 36.72 -51.89
N GLN C 230 -2.47 35.93 -52.68
CA GLN C 230 -3.18 34.75 -52.22
C GLN C 230 -2.21 33.58 -52.02
N GLY C 231 -1.00 33.70 -52.58
CA GLY C 231 0.07 32.71 -52.43
C GLY C 231 0.70 32.71 -51.06
N THR C 232 0.49 33.79 -50.28
CA THR C 232 1.00 33.91 -48.90
C THR C 232 0.71 32.65 -48.09
N HIS C 233 1.76 32.09 -47.47
CA HIS C 233 1.66 30.92 -46.61
C HIS C 233 2.14 31.30 -45.20
N ARG C 234 1.21 31.36 -44.24
CA ARG C 234 1.52 31.53 -42.82
C ARG C 234 2.11 30.22 -42.28
N GLY C 235 3.24 30.33 -41.57
CA GLY C 235 3.80 29.23 -40.80
C GLY C 235 3.13 29.10 -39.45
N ASP C 236 3.61 28.15 -38.65
CA ASP C 236 3.11 27.94 -37.29
C ASP C 236 3.57 29.12 -36.42
N PHE C 237 2.82 29.36 -35.34
CA PHE C 237 3.26 30.24 -34.27
C PHE C 237 4.36 29.54 -33.49
N LEU C 238 5.52 30.20 -33.40
CA LEU C 238 6.69 29.67 -32.69
C LEU C 238 6.98 30.56 -31.49
N PRO C 239 7.28 29.99 -30.30
CA PRO C 239 7.52 30.80 -29.11
C PRO C 239 8.91 31.43 -29.05
N ASN C 240 8.98 32.62 -28.45
CA ASN C 240 10.22 33.21 -27.98
C ASN C 240 10.37 32.87 -26.49
N ALA C 241 11.59 33.02 -25.97
CA ALA C 241 11.92 32.70 -24.57
C ALA C 241 11.25 33.70 -23.61
N ASP C 242 10.93 34.90 -24.12
CA ASP C 242 10.38 36.01 -23.31
C ASP C 242 8.84 36.03 -23.39
N GLU C 243 8.22 34.88 -23.70
CA GLU C 243 6.77 34.69 -23.71
C GLU C 243 6.11 35.65 -24.73
N THR C 244 6.78 35.88 -25.86
CA THR C 244 6.20 36.50 -27.04
C THR C 244 6.21 35.45 -28.15
N TRP C 245 5.62 35.80 -29.30
CA TRP C 245 5.42 34.87 -30.40
C TRP C 245 6.22 35.31 -31.64
N TYR C 246 6.60 34.31 -32.43
CA TYR C 246 7.28 34.48 -33.70
C TYR C 246 6.43 33.81 -34.78
N LEU C 247 6.36 34.44 -35.95
CA LEU C 247 5.64 33.91 -37.11
C LEU C 247 6.31 34.42 -38.40
N GLN C 248 6.34 33.56 -39.43
CA GLN C 248 6.81 33.95 -40.75
C GLN C 248 5.77 33.57 -41.80
N ALA C 249 5.57 34.49 -42.75
CA ALA C 249 4.71 34.30 -43.92
C ALA C 249 5.58 34.33 -45.17
N THR C 250 5.47 33.29 -46.00
CA THR C 250 6.29 33.14 -47.21
C THR C 250 5.43 33.39 -48.46
N LEU C 251 6.03 34.01 -49.49
CA LEU C 251 5.39 34.18 -50.80
C LEU C 251 6.34 33.70 -51.91
N ASP C 252 5.86 32.77 -52.73
CA ASP C 252 6.59 32.22 -53.87
C ASP C 252 6.38 33.13 -55.09
N VAL C 253 7.49 33.69 -55.62
CA VAL C 253 7.43 34.70 -56.69
C VAL C 253 8.50 34.41 -57.75
N GLU C 254 8.48 35.22 -58.81
CA GLU C 254 9.47 35.18 -59.89
C GLU C 254 10.60 36.17 -59.61
N ALA C 255 11.84 35.70 -59.77
CA ALA C 255 13.02 36.54 -59.66
C ALA C 255 12.88 37.73 -60.63
N GLY C 256 13.23 38.93 -60.15
CA GLY C 256 13.08 40.18 -60.91
C GLY C 256 11.76 40.87 -60.61
N GLU C 257 10.74 40.10 -60.22
CA GLU C 257 9.38 40.58 -59.97
C GLU C 257 9.17 40.91 -58.49
N GLU C 258 10.23 40.76 -57.67
CA GLU C 258 10.20 41.06 -56.25
C GLU C 258 9.73 42.50 -56.01
N ALA C 259 10.18 43.44 -56.86
CA ALA C 259 9.83 44.87 -56.77
C ALA C 259 8.31 45.04 -56.87
N GLY C 260 7.74 45.84 -55.97
CA GLY C 260 6.29 46.07 -55.87
C GLY C 260 5.69 45.48 -54.60
N LEU C 261 6.30 44.40 -54.09
CA LEU C 261 5.75 43.62 -52.97
C LEU C 261 6.07 44.30 -51.63
N ALA C 262 5.08 44.27 -50.74
CA ALA C 262 5.24 44.70 -49.36
C ALA C 262 4.65 43.64 -48.42
N CYS C 263 5.06 43.68 -47.15
CA CYS C 263 4.49 42.83 -46.11
C CYS C 263 3.76 43.70 -45.09
N ARG C 264 2.44 43.53 -45.00
CA ARG C 264 1.60 44.23 -44.05
C ARG C 264 1.33 43.34 -42.84
N VAL C 265 1.49 43.92 -41.65
CA VAL C 265 1.27 43.24 -40.38
C VAL C 265 0.26 44.05 -39.57
N LYS C 266 -0.85 43.41 -39.19
CA LYS C 266 -1.85 43.98 -38.28
C LYS C 266 -1.79 43.25 -36.93
N HIS C 267 -1.80 44.02 -35.84
CA HIS C 267 -1.78 43.48 -34.50
C HIS C 267 -2.39 44.48 -33.51
N SER C 268 -3.05 43.94 -32.48
CA SER C 268 -3.78 44.72 -31.47
C SER C 268 -2.88 45.74 -30.77
N SER C 269 -1.56 45.51 -30.77
CA SER C 269 -0.60 46.33 -30.00
C SER C 269 -0.19 47.61 -30.73
N LEU C 270 -0.48 47.67 -32.04
CA LEU C 270 -0.03 48.74 -32.93
C LEU C 270 -1.02 49.91 -32.95
N GLY C 271 -2.26 49.66 -32.50
CA GLY C 271 -3.28 50.70 -32.38
C GLY C 271 -3.51 51.43 -33.70
N GLY C 272 -3.77 50.65 -34.77
CA GLY C 272 -4.16 51.20 -36.06
C GLY C 272 -2.98 51.42 -37.00
N GLN C 273 -1.77 51.56 -36.43
CA GLN C 273 -0.54 51.83 -37.19
C GLN C 273 0.04 50.50 -37.70
N ASP C 274 -0.54 49.99 -38.79
CA ASP C 274 -0.09 48.74 -39.41
C ASP C 274 1.38 48.88 -39.84
N ILE C 275 2.16 47.81 -39.68
CA ILE C 275 3.54 47.75 -40.15
C ILE C 275 3.52 47.36 -41.63
N ILE C 276 4.26 48.11 -42.44
CA ILE C 276 4.40 47.87 -43.88
C ILE C 276 5.90 47.91 -44.23
N LEU C 277 6.43 46.78 -44.68
CA LEU C 277 7.81 46.69 -45.16
C LEU C 277 7.79 46.41 -46.67
N TYR C 278 8.34 47.35 -47.44
CA TYR C 278 8.50 47.23 -48.89
C TYR C 278 9.83 46.53 -49.18
N TRP C 279 9.83 45.64 -50.18
CA TRP C 279 11.04 44.95 -50.62
C TRP C 279 11.98 45.94 -51.33
N THR D 4 9.83 11.43 -36.25
CA THR D 4 11.01 12.32 -36.50
C THR D 4 10.73 13.72 -35.95
N PRO D 5 11.43 14.16 -34.89
CA PRO D 5 11.25 15.50 -34.34
C PRO D 5 11.44 16.62 -35.37
N GLN D 6 10.52 17.60 -35.39
CA GLN D 6 10.67 18.80 -36.21
C GLN D 6 11.54 19.81 -35.45
N ILE D 7 12.46 20.47 -36.17
CA ILE D 7 13.39 21.41 -35.61
C ILE D 7 13.28 22.72 -36.42
N GLN D 8 13.08 23.84 -35.71
CA GLN D 8 12.94 25.14 -36.33
C GLN D 8 13.88 26.11 -35.63
N VAL D 9 14.73 26.78 -36.41
CA VAL D 9 15.72 27.72 -35.91
C VAL D 9 15.36 29.12 -36.42
N TYR D 10 15.41 30.10 -35.52
CA TYR D 10 14.97 31.46 -35.80
C TYR D 10 15.52 32.41 -34.72
N SER D 11 15.75 33.67 -35.12
CA SER D 11 16.26 34.71 -34.22
C SER D 11 15.08 35.48 -33.61
N ARG D 12 15.30 36.03 -32.40
CA ARG D 12 14.29 36.79 -31.67
C ARG D 12 14.13 38.18 -32.27
N HIS D 13 15.26 38.81 -32.61
CA HIS D 13 15.32 40.15 -33.18
C HIS D 13 15.77 40.05 -34.64
N PRO D 14 15.64 41.12 -35.46
CA PRO D 14 16.16 41.09 -36.83
C PRO D 14 17.69 40.95 -36.80
N PRO D 15 18.28 40.01 -37.56
CA PRO D 15 19.71 39.75 -37.47
C PRO D 15 20.54 40.83 -38.19
N GLU D 16 21.51 41.40 -37.47
CA GLU D 16 22.47 42.36 -38.03
C GLU D 16 23.88 42.01 -37.54
N ASN D 17 24.79 41.80 -38.51
CA ASN D 17 26.16 41.37 -38.26
C ASN D 17 26.80 42.29 -37.21
N GLY D 18 27.38 41.68 -36.17
CA GLY D 18 28.06 42.41 -35.09
C GLY D 18 27.18 42.60 -33.85
N LYS D 19 25.86 42.66 -34.04
CA LYS D 19 24.91 43.03 -32.97
C LYS D 19 24.48 41.79 -32.17
N PRO D 20 24.55 41.82 -30.82
CA PRO D 20 24.05 40.72 -29.99
C PRO D 20 22.55 40.48 -30.20
N ASN D 21 22.15 39.21 -30.06
CA ASN D 21 20.81 38.72 -30.43
C ASN D 21 20.57 37.42 -29.66
N ILE D 22 19.37 36.84 -29.79
CA ILE D 22 19.06 35.55 -29.22
C ILE D 22 18.63 34.62 -30.35
N LEU D 23 19.14 33.38 -30.30
CA LEU D 23 18.83 32.33 -31.25
C LEU D 23 18.00 31.25 -30.55
N ASN D 24 16.89 30.88 -31.18
CA ASN D 24 15.93 29.92 -30.66
C ASN D 24 15.98 28.66 -31.51
N CYS D 25 15.86 27.51 -30.83
CA CYS D 25 15.68 26.23 -31.45
C CYS D 25 14.43 25.56 -30.86
N TYR D 26 13.39 25.43 -31.68
CA TYR D 26 12.12 24.88 -31.26
C TYR D 26 11.97 23.45 -31.79
N VAL D 27 11.95 22.48 -30.86
CA VAL D 27 11.85 21.07 -31.17
C VAL D 27 10.45 20.59 -30.77
N THR D 28 9.75 19.93 -31.72
CA THR D 28 8.34 19.58 -31.57
C THR D 28 8.08 18.20 -32.17
N GLN D 29 6.87 17.68 -31.94
CA GLN D 29 6.35 16.44 -32.56
C GLN D 29 7.33 15.28 -32.34
N PHE D 30 7.74 15.06 -31.08
CA PHE D 30 8.59 13.92 -30.74
C PHE D 30 8.01 13.18 -29.54
N HIS D 31 8.33 11.88 -29.47
CA HIS D 31 7.99 10.98 -28.36
C HIS D 31 8.71 9.65 -28.57
N PRO D 32 9.23 9.02 -27.51
CA PRO D 32 9.18 9.47 -26.11
C PRO D 32 9.86 10.81 -25.84
N PRO D 33 9.66 11.42 -24.64
CA PRO D 33 10.21 12.73 -24.34
C PRO D 33 11.72 12.80 -24.03
N HIS D 34 12.39 11.65 -23.92
CA HIS D 34 13.84 11.65 -23.71
C HIS D 34 14.51 12.17 -25.00
N ILE D 35 15.22 13.30 -24.89
CA ILE D 35 15.80 14.00 -26.04
C ILE D 35 17.08 14.72 -25.62
N GLU D 36 18.01 14.85 -26.58
CA GLU D 36 19.26 15.57 -26.39
C GLU D 36 19.33 16.67 -27.45
N ILE D 37 19.36 17.93 -27.00
CA ILE D 37 19.37 19.10 -27.86
C ILE D 37 20.67 19.86 -27.61
N GLN D 38 21.35 20.24 -28.71
CA GLN D 38 22.60 20.98 -28.68
C GLN D 38 22.51 22.13 -29.68
N MET D 39 22.97 23.31 -29.27
CA MET D 39 23.11 24.42 -30.17
C MET D 39 24.60 24.60 -30.48
N LEU D 40 24.91 24.68 -31.77
CA LEU D 40 26.29 24.67 -32.27
C LEU D 40 26.63 26.02 -32.91
N LYS D 41 27.85 26.48 -32.64
CA LYS D 41 28.50 27.56 -33.37
C LYS D 41 29.68 26.95 -34.14
N ASN D 42 29.62 27.00 -35.48
CA ASN D 42 30.67 26.44 -36.34
C ASN D 42 30.91 24.97 -35.99
N GLY D 43 29.83 24.25 -35.66
CA GLY D 43 29.87 22.83 -35.32
C GLY D 43 30.30 22.56 -33.88
N LYS D 44 30.63 23.61 -33.12
CA LYS D 44 31.07 23.44 -31.75
C LYS D 44 29.91 23.76 -30.79
N LYS D 45 29.81 22.96 -29.72
CA LYS D 45 28.76 23.03 -28.72
C LYS D 45 28.88 24.35 -27.95
N ILE D 46 27.82 25.16 -27.99
CA ILE D 46 27.73 26.40 -27.25
C ILE D 46 27.47 26.04 -25.79
N PRO D 47 28.22 26.61 -24.82
CA PRO D 47 28.01 26.30 -23.39
C PRO D 47 26.87 27.13 -22.78
N LYS D 48 26.22 26.56 -21.75
CA LYS D 48 25.15 27.23 -20.99
C LYS D 48 24.04 27.70 -21.95
N VAL D 49 23.35 26.74 -22.54
CA VAL D 49 22.15 26.95 -23.33
C VAL D 49 20.96 26.79 -22.38
N GLU D 50 20.02 27.75 -22.44
CA GLU D 50 18.81 27.73 -21.60
C GLU D 50 17.75 26.86 -22.28
N MET D 51 17.05 26.08 -21.45
CA MET D 51 15.95 25.22 -21.90
C MET D 51 14.68 25.62 -21.15
N SER D 52 13.57 25.72 -21.90
CA SER D 52 12.25 25.79 -21.30
C SER D 52 11.93 24.43 -20.70
N ASP D 53 10.97 24.40 -19.77
CA ASP D 53 10.48 23.15 -19.23
C ASP D 53 9.78 22.40 -20.35
N MET D 54 10.02 21.09 -20.46
CA MET D 54 9.33 20.27 -21.43
C MET D 54 7.83 20.29 -21.15
N SER D 55 7.04 20.43 -22.21
CA SER D 55 5.59 20.44 -22.17
C SER D 55 5.06 19.58 -23.33
N PHE D 56 3.74 19.54 -23.52
CA PHE D 56 3.16 18.82 -24.66
C PHE D 56 1.86 19.48 -25.14
N SER D 57 1.53 19.25 -26.41
CA SER D 57 0.41 19.90 -27.11
C SER D 57 -0.86 19.07 -26.94
N LYS D 58 -1.97 19.55 -27.56
CA LYS D 58 -3.29 18.90 -27.52
C LYS D 58 -3.19 17.43 -27.92
N ASP D 59 -2.35 17.13 -28.91
CA ASP D 59 -2.20 15.79 -29.51
C ASP D 59 -1.24 14.89 -28.71
N TRP D 60 -0.74 15.38 -27.57
CA TRP D 60 0.08 14.60 -26.61
C TRP D 60 1.56 14.51 -27.00
N SER D 61 1.95 15.18 -28.09
CA SER D 61 3.34 15.20 -28.53
C SER D 61 4.10 16.29 -27.79
N PHE D 62 5.40 16.06 -27.59
CA PHE D 62 6.25 16.89 -26.75
C PHE D 62 6.86 18.03 -27.58
N TYR D 63 7.23 19.10 -26.87
CA TYR D 63 7.95 20.23 -27.44
C TYR D 63 8.79 20.89 -26.34
N ILE D 64 9.87 21.53 -26.76
CA ILE D 64 10.77 22.22 -25.87
C ILE D 64 11.51 23.30 -26.65
N LEU D 65 11.75 24.43 -25.99
CA LEU D 65 12.41 25.57 -26.58
C LEU D 65 13.81 25.71 -25.96
N ALA D 66 14.84 25.51 -26.79
CA ALA D 66 16.20 25.87 -26.45
C ALA D 66 16.46 27.27 -27.00
N HIS D 67 17.26 28.07 -26.29
CA HIS D 67 17.68 29.37 -26.78
C HIS D 67 19.03 29.75 -26.16
N THR D 68 19.73 30.68 -26.83
CA THR D 68 21.07 31.11 -26.43
C THR D 68 21.35 32.49 -26.99
N GLU D 69 22.31 33.20 -26.37
CA GLU D 69 22.82 34.46 -26.89
C GLU D 69 23.78 34.16 -28.04
N PHE D 70 23.69 34.97 -29.11
CA PHE D 70 24.58 34.86 -30.25
C PHE D 70 24.72 36.24 -30.90
N THR D 71 25.85 36.43 -31.59
CA THR D 71 26.10 37.59 -32.43
C THR D 71 26.41 37.08 -33.84
N PRO D 72 25.49 37.24 -34.82
CA PRO D 72 25.75 36.78 -36.18
C PRO D 72 26.89 37.56 -36.87
N THR D 73 27.61 36.87 -37.75
CA THR D 73 28.68 37.44 -38.57
C THR D 73 28.56 36.90 -39.99
N GLU D 74 29.35 37.45 -40.91
CA GLU D 74 29.39 36.95 -42.27
C GLU D 74 29.88 35.50 -42.27
N THR D 75 30.81 35.17 -41.37
CA THR D 75 31.57 33.89 -41.41
C THR D 75 30.84 32.78 -40.62
N ASP D 76 30.54 33.06 -39.34
CA ASP D 76 30.10 32.04 -38.36
C ASP D 76 28.77 31.38 -38.80
N THR D 77 28.70 30.05 -38.63
CA THR D 77 27.47 29.27 -38.84
C THR D 77 26.91 28.81 -37.49
N TYR D 78 25.58 28.75 -37.41
CA TYR D 78 24.86 28.35 -36.21
C TYR D 78 23.88 27.23 -36.59
N ALA D 79 23.67 26.29 -35.67
CA ALA D 79 22.85 25.12 -35.93
C ALA D 79 22.24 24.56 -34.63
N CYS D 80 21.29 23.64 -34.81
CA CYS D 80 20.67 22.92 -33.72
C CYS D 80 20.69 21.42 -34.06
N ARG D 81 21.25 20.64 -33.13
CA ARG D 81 21.47 19.21 -33.31
C ARG D 81 20.66 18.45 -32.25
N VAL D 82 19.90 17.45 -32.72
CA VAL D 82 18.94 16.70 -31.93
C VAL D 82 19.27 15.20 -32.06
N LYS D 83 19.50 14.55 -30.91
CA LYS D 83 19.54 13.08 -30.81
C LYS D 83 18.24 12.61 -30.15
N HIS D 84 17.67 11.53 -30.71
CA HIS D 84 16.38 11.00 -30.30
C HIS D 84 16.22 9.60 -30.89
N ALA D 85 15.67 8.67 -30.10
CA ALA D 85 15.66 7.24 -30.42
C ALA D 85 14.95 6.96 -31.75
N SER D 86 14.04 7.86 -32.15
CA SER D 86 13.27 7.73 -33.41
C SER D 86 14.11 8.04 -34.65
N MET D 87 15.42 8.29 -34.47
CA MET D 87 16.35 8.54 -35.57
C MET D 87 17.63 7.73 -35.34
N ALA D 88 18.19 7.18 -36.43
CA ALA D 88 19.43 6.42 -36.38
C ALA D 88 20.60 7.36 -36.10
N GLU D 89 20.66 8.44 -36.89
CA GLU D 89 21.72 9.46 -36.79
C GLU D 89 21.10 10.77 -36.31
N PRO D 90 21.86 11.60 -35.56
CA PRO D 90 21.41 12.93 -35.15
C PRO D 90 21.03 13.85 -36.31
N LYS D 91 19.95 14.62 -36.14
CA LYS D 91 19.47 15.56 -37.15
C LYS D 91 19.99 16.96 -36.81
N THR D 92 20.45 17.68 -37.84
CA THR D 92 21.03 19.01 -37.71
C THR D 92 20.33 19.97 -38.68
N VAL D 93 19.76 21.05 -38.13
CA VAL D 93 19.16 22.11 -38.91
C VAL D 93 20.01 23.37 -38.71
N TYR D 94 20.48 23.94 -39.82
CA TYR D 94 21.32 25.12 -39.81
C TYR D 94 20.42 26.36 -39.79
N TRP D 95 20.83 27.36 -39.01
CA TRP D 95 20.22 28.67 -39.07
C TRP D 95 20.57 29.30 -40.42
N ASP D 96 19.53 29.53 -41.24
CA ASP D 96 19.63 30.33 -42.45
C ASP D 96 18.94 31.67 -42.16
N ARG D 97 19.76 32.72 -42.04
CA ARG D 97 19.28 34.10 -41.77
C ARG D 97 18.17 34.50 -42.77
N ASP D 98 18.31 34.03 -44.02
CA ASP D 98 17.42 34.36 -45.12
C ASP D 98 16.06 33.65 -44.97
N MET D 99 16.07 32.39 -44.49
CA MET D 99 14.85 31.59 -44.33
C MET D 99 14.05 32.10 -43.13
#